data_4TRW
#
_entry.id   4TRW
#
_cell.length_a   82.285
_cell.length_b   103.661
_cell.length_c   102.000
_cell.angle_alpha   90.000
_cell.angle_beta   102.730
_cell.angle_gamma   90.000
#
_symmetry.space_group_name_H-M   'P 1 21 1'
#
loop_
_entity.id
_entity.type
_entity.pdbx_description
1 polymer 'Beta-secretase 1'
2 polymer L-alpha-glutamyl-L-isoleucyl-N-[(2R,3S)-1-{[(1S)-1-carboxybutyl]amino}-2-hydroxy-5-methylhexan-3-yl]-3-thiophen-2-yl-L-alaninamide
3 water water
#
loop_
_entity_poly.entity_id
_entity_poly.type
_entity_poly.pdbx_seq_one_letter_code
_entity_poly.pdbx_strand_id
1 'polypeptide(L)'
;GSFVEMVDNLRGKSGQGYYVEMTVGSPPQTLNILVDTGSSNFAVGAAPHPFLHRYYQRQLSSTYRDLRKGVYVPYTQGKW
EGELGTDLVSIPHGPNVTVRANIAAITESDKFFINGSNWEGILGLAYAEIARPDDSLEPFFDSLVKQTHVPNLFSLQLCG
AGFPLNQSEVLASVGGSMIIGGIDHSLYTGSLWYTPIRREWYYEVIIVRVEINGQDLKMDCKEYNYDKSIVDSGTTNLRL
PKKVFEAAVKSIKAASSTEKFPDGFWLGEQLVCWQAGTTPWNIFPVISLYLMGEVTNQSFRITILPQQYLRPVEDVATSQ
DDCYKFAISQSSTGTVMGAVIMEGFYVVFDRARKRIGFAVSACHVHDEFRTAAVEGPFVTLDMEDCGYNI
;
A,B,C
2 'polypeptide(L)' EI(TIH)(LHE) D,E,F
#
loop_
_chem_comp.id
_chem_comp.type
_chem_comp.name
_chem_comp.formula
LHE peptide-like N-[(2R,3S)-3-amino-2-hydroxy-5-methylhexyl]-L-norvaline 'C12 H26 N2 O3'
#
# COMPACT_ATOMS: atom_id res chain seq x y z
N SER A 2 16.06 -30.44 -14.46
CA SER A 2 15.14 -29.38 -14.94
C SER A 2 15.80 -28.01 -14.71
N PHE A 3 15.24 -27.17 -13.84
CA PHE A 3 15.87 -25.90 -13.48
C PHE A 3 17.07 -26.04 -12.54
N VAL A 4 17.15 -27.18 -11.86
CA VAL A 4 18.28 -27.42 -11.00
C VAL A 4 19.53 -27.39 -11.87
N GLU A 5 19.40 -27.90 -13.09
CA GLU A 5 20.57 -28.06 -13.98
C GLU A 5 21.09 -26.75 -14.52
N MET A 6 20.27 -25.70 -14.37
CA MET A 6 20.62 -24.34 -14.75
C MET A 6 21.07 -23.53 -13.54
N VAL A 7 20.82 -24.01 -12.34
CA VAL A 7 21.31 -23.29 -11.20
C VAL A 7 22.83 -23.25 -11.21
N ASP A 8 23.39 -22.12 -10.77
CA ASP A 8 24.85 -21.87 -10.77
C ASP A 8 25.49 -21.99 -12.18
N ASN A 9 24.77 -21.65 -13.25
CA ASN A 9 25.31 -21.73 -14.65
C ASN A 9 25.95 -20.44 -15.22
N LEU A 10 26.12 -19.44 -14.38
CA LEU A 10 26.78 -18.22 -14.72
C LEU A 10 28.05 -18.00 -13.94
N ARG A 11 29.04 -17.40 -14.58
CA ARG A 11 30.24 -16.98 -13.88
C ARG A 11 30.64 -15.54 -14.20
N GLY A 12 31.45 -14.94 -13.31
CA GLY A 12 31.88 -13.56 -13.44
C GLY A 12 31.61 -12.66 -12.24
N LYS A 13 31.71 -11.37 -12.51
CA LYS A 13 31.54 -10.38 -11.48
C LYS A 13 30.85 -9.19 -12.16
N SER A 14 30.35 -8.26 -11.33
CA SER A 14 29.69 -7.06 -11.85
C SER A 14 30.59 -6.25 -12.79
N GLY A 15 31.85 -6.10 -12.39
CA GLY A 15 32.77 -5.22 -13.10
C GLY A 15 33.10 -5.65 -14.51
N GLN A 16 33.04 -6.95 -14.78
CA GLN A 16 33.44 -7.54 -16.06
C GLN A 16 32.38 -8.36 -16.77
N GLY A 17 31.22 -8.52 -16.16
CA GLY A 17 30.11 -9.25 -16.75
C GLY A 17 29.91 -10.65 -16.21
N TYR A 18 28.67 -11.10 -16.25
CA TYR A 18 28.34 -12.49 -15.99
C TYR A 18 28.13 -13.19 -17.34
N TYR A 19 28.76 -14.34 -17.50
CA TYR A 19 28.66 -15.08 -18.72
C TYR A 19 28.13 -16.48 -18.49
N VAL A 20 27.65 -17.04 -19.59
CA VAL A 20 27.08 -18.34 -19.68
C VAL A 20 27.85 -19.16 -20.71
N GLU A 21 27.80 -20.49 -20.64
CA GLU A 21 28.42 -21.31 -21.67
C GLU A 21 27.44 -21.63 -22.76
N MET A 22 27.90 -21.64 -23.99
CA MET A 22 27.09 -22.03 -25.14
C MET A 22 27.97 -22.73 -26.12
N THR A 23 27.37 -23.48 -27.04
CA THR A 23 28.09 -24.03 -28.17
C THR A 23 27.46 -23.41 -29.38
N VAL A 24 28.24 -23.30 -30.44
CA VAL A 24 27.74 -22.88 -31.73
C VAL A 24 28.37 -23.75 -32.81
N GLY A 25 27.57 -24.08 -33.81
CA GLY A 25 28.08 -24.76 -34.96
C GLY A 25 28.11 -26.27 -34.81
N SER A 26 28.06 -26.92 -35.96
CA SER A 26 28.17 -28.35 -36.14
C SER A 26 29.44 -28.56 -36.99
N PRO A 27 30.49 -29.13 -36.40
CA PRO A 27 30.59 -29.55 -35.01
C PRO A 27 30.63 -28.37 -34.02
N PRO A 28 30.15 -28.64 -32.80
CA PRO A 28 29.94 -27.60 -31.80
C PRO A 28 31.25 -26.97 -31.39
N GLN A 29 31.21 -25.65 -31.22
CA GLN A 29 32.34 -24.89 -30.72
C GLN A 29 31.89 -24.28 -29.41
N THR A 30 32.64 -24.52 -28.33
CA THR A 30 32.22 -24.05 -27.02
C THR A 30 32.67 -22.59 -26.91
N LEU A 31 31.84 -21.75 -26.30
CA LEU A 31 32.15 -20.34 -26.06
C LEU A 31 31.43 -19.80 -24.81
N ASN A 32 32.13 -18.94 -24.09
CA ASN A 32 31.53 -18.20 -23.00
C ASN A 32 30.91 -16.91 -23.51
N ILE A 33 29.64 -16.70 -23.20
CA ILE A 33 28.93 -15.54 -23.65
C ILE A 33 28.41 -14.67 -22.49
N LEU A 34 28.81 -13.42 -22.47
CA LEU A 34 28.21 -12.44 -21.58
C LEU A 34 26.70 -12.35 -21.78
N VAL A 35 25.98 -12.21 -20.65
CA VAL A 35 24.53 -12.17 -20.61
C VAL A 35 24.11 -10.72 -20.45
N ASP A 36 23.50 -10.15 -21.47
CA ASP A 36 23.21 -8.71 -21.52
C ASP A 36 21.74 -8.42 -21.82
N THR A 37 21.04 -7.88 -20.82
CA THR A 37 19.64 -7.46 -20.96
C THR A 37 19.55 -6.03 -21.52
N GLY A 38 20.72 -5.41 -21.73
CA GLY A 38 20.84 -4.06 -22.21
C GLY A 38 21.11 -3.98 -23.70
N SER A 39 20.96 -5.07 -24.44
CA SER A 39 21.17 -5.04 -25.89
C SER A 39 20.44 -6.19 -26.55
N SER A 40 20.49 -6.26 -27.89
CA SER A 40 19.62 -7.16 -28.67
C SER A 40 20.35 -8.24 -29.49
N ASN A 41 21.63 -8.02 -29.75
CA ASN A 41 22.42 -8.84 -30.64
C ASN A 41 23.22 -10.00 -30.05
N PHE A 42 23.13 -11.15 -30.70
CA PHE A 42 24.02 -12.22 -30.37
C PHE A 42 25.28 -12.05 -31.19
N ALA A 43 26.44 -11.82 -30.53
CA ALA A 43 27.73 -11.69 -31.24
C ALA A 43 28.90 -12.39 -30.56
N VAL A 44 29.86 -12.80 -31.36
CA VAL A 44 31.00 -13.62 -30.93
C VAL A 44 32.28 -13.20 -31.67
N GLY A 45 33.42 -13.34 -31.03
CA GLY A 45 34.67 -13.14 -31.73
C GLY A 45 34.74 -14.15 -32.85
N ALA A 46 35.17 -13.70 -34.02
CA ALA A 46 35.43 -14.63 -35.12
C ALA A 46 36.81 -14.40 -35.79
N ALA A 47 37.72 -13.79 -35.05
CA ALA A 47 39.05 -13.49 -35.54
C ALA A 47 39.93 -13.07 -34.37
N PRO A 48 41.24 -13.43 -34.44
CA PRO A 48 42.11 -13.28 -33.28
C PRO A 48 42.08 -11.91 -32.66
N HIS A 49 42.28 -11.89 -31.36
CA HIS A 49 42.31 -10.67 -30.58
C HIS A 49 43.14 -11.03 -29.31
N PRO A 50 43.94 -10.09 -28.83
CA PRO A 50 44.87 -10.36 -27.73
C PRO A 50 44.11 -10.79 -26.47
N PHE A 51 42.98 -10.13 -26.20
CA PHE A 51 42.15 -10.51 -25.06
C PHE A 51 41.27 -11.74 -25.27
N LEU A 52 41.27 -12.33 -26.46
CA LEU A 52 40.46 -13.53 -26.70
C LEU A 52 41.23 -14.86 -26.65
N HIS A 53 40.84 -15.74 -25.74
CA HIS A 53 41.44 -17.07 -25.60
C HIS A 53 40.86 -18.09 -26.60
N ARG A 54 39.82 -17.70 -27.35
CA ARG A 54 39.28 -18.55 -28.46
C ARG A 54 38.26 -17.76 -29.28
N TYR A 55 37.77 -18.34 -30.38
CA TYR A 55 36.86 -17.62 -31.28
C TYR A 55 36.07 -18.55 -32.15
N TYR A 56 35.14 -17.98 -32.90
CA TYR A 56 34.23 -18.72 -33.74
C TYR A 56 34.78 -18.81 -35.18
N GLN A 57 35.06 -20.05 -35.56
CA GLN A 57 35.48 -20.33 -36.91
C GLN A 57 34.23 -20.56 -37.72
N ARG A 58 33.89 -19.60 -38.56
CA ARG A 58 32.71 -19.71 -39.42
C ARG A 58 32.84 -20.88 -40.40
N GLN A 59 34.04 -21.04 -40.95
CA GLN A 59 34.32 -22.10 -41.94
C GLN A 59 34.44 -23.57 -41.51
N LEU A 60 34.31 -23.88 -40.22
CA LEU A 60 34.28 -25.27 -39.69
C LEU A 60 32.88 -25.79 -39.34
N SER A 61 31.88 -24.93 -39.35
CA SER A 61 30.54 -25.38 -39.04
C SER A 61 29.89 -25.94 -40.30
N SER A 62 29.47 -27.20 -40.30
CA SER A 62 28.57 -27.73 -41.35
C SER A 62 27.34 -26.82 -41.57
N THR A 63 26.90 -26.18 -40.48
CA THR A 63 25.61 -25.47 -40.44
C THR A 63 25.68 -23.93 -40.60
N TYR A 64 26.87 -23.36 -40.65
CA TYR A 64 27.00 -21.93 -40.86
C TYR A 64 26.38 -21.55 -42.20
N ARG A 65 25.29 -20.78 -42.16
CA ARG A 65 24.76 -20.10 -43.33
C ARG A 65 25.32 -18.71 -43.31
N ASP A 66 25.05 -17.93 -44.34
CA ASP A 66 25.57 -16.58 -44.40
C ASP A 66 24.53 -15.64 -44.99
N LEU A 67 24.60 -14.37 -44.55
CA LEU A 67 23.67 -13.33 -44.95
C LEU A 67 24.37 -12.25 -45.74
N ARG A 68 25.70 -12.27 -45.75
CA ARG A 68 26.46 -11.37 -46.61
C ARG A 68 26.11 -9.92 -46.29
N LYS A 69 25.70 -9.69 -45.05
CA LYS A 69 25.20 -8.40 -44.60
C LYS A 69 26.06 -8.08 -43.42
N GLY A 70 26.65 -6.90 -43.37
CA GLY A 70 27.52 -6.50 -42.24
C GLY A 70 26.72 -5.94 -41.05
N VAL A 71 27.40 -5.71 -39.92
CA VAL A 71 26.79 -5.04 -38.79
C VAL A 71 27.75 -4.22 -37.91
N TYR A 72 27.24 -3.10 -37.42
CA TYR A 72 27.90 -2.26 -36.44
C TYR A 72 26.97 -2.14 -35.24
N VAL A 73 27.49 -2.41 -34.03
CA VAL A 73 26.74 -2.22 -32.81
C VAL A 73 27.52 -1.34 -31.85
N PRO A 74 26.93 -0.23 -31.43
CA PRO A 74 27.60 0.70 -30.51
C PRO A 74 26.98 0.69 -29.11
N TYR A 75 27.79 0.54 -28.07
CA TYR A 75 27.28 0.56 -26.73
C TYR A 75 27.76 1.84 -26.06
N THR A 76 27.30 2.07 -24.86
CA THR A 76 27.70 3.26 -24.15
C THR A 76 29.19 3.32 -24.16
N GLN A 77 29.81 2.19 -23.87
CA GLN A 77 31.25 2.03 -23.95
C GLN A 77 31.47 0.76 -24.70
N GLY A 78 32.35 0.84 -25.69
CA GLY A 78 32.71 -0.32 -26.48
C GLY A 78 31.84 -0.41 -27.72
N LYS A 79 32.41 -0.99 -28.78
CA LYS A 79 31.71 -1.19 -30.04
C LYS A 79 32.34 -2.25 -30.92
N TRP A 80 31.56 -2.90 -31.76
CA TRP A 80 32.13 -3.90 -32.65
C TRP A 80 31.45 -3.94 -33.98
N GLU A 81 32.12 -4.57 -34.94
CA GLU A 81 31.72 -4.59 -36.33
C GLU A 81 31.96 -6.01 -36.81
N GLY A 82 31.10 -6.53 -37.65
CA GLY A 82 31.26 -7.89 -38.08
C GLY A 82 30.32 -8.30 -39.19
N GLU A 83 30.24 -9.61 -39.40
CA GLU A 83 29.52 -10.15 -40.55
C GLU A 83 28.39 -10.99 -39.98
N LEU A 84 27.22 -10.90 -40.61
CA LEU A 84 26.03 -11.63 -40.17
C LEU A 84 25.86 -12.96 -40.86
N GLY A 85 25.58 -13.96 -40.05
CA GLY A 85 25.17 -15.27 -40.56
C GLY A 85 24.20 -15.86 -39.56
N THR A 86 23.96 -17.17 -39.68
CA THR A 86 23.14 -17.93 -38.72
C THR A 86 23.87 -19.23 -38.41
N ASP A 87 23.46 -19.93 -37.36
CA ASP A 87 24.00 -21.25 -37.06
C ASP A 87 23.16 -21.88 -35.96
N LEU A 88 23.35 -23.18 -35.77
CA LEU A 88 22.72 -23.90 -34.69
C LEU A 88 23.46 -23.59 -33.41
N VAL A 89 22.68 -23.33 -32.35
CA VAL A 89 23.21 -22.86 -31.07
C VAL A 89 22.58 -23.67 -29.93
N SER A 90 23.33 -23.83 -28.83
CA SER A 90 22.91 -24.68 -27.73
C SER A 90 23.41 -24.16 -26.39
N ILE A 91 22.72 -24.50 -25.32
CA ILE A 91 23.11 -24.09 -23.98
C ILE A 91 23.22 -25.32 -23.08
N PRO A 92 24.46 -25.82 -22.90
CA PRO A 92 24.67 -27.12 -22.25
C PRO A 92 23.98 -27.17 -20.91
N HIS A 93 24.19 -26.14 -20.10
CA HIS A 93 23.58 -26.00 -18.80
C HIS A 93 22.27 -25.25 -18.83
N GLY A 94 21.65 -25.21 -20.00
CA GLY A 94 20.34 -24.59 -20.14
C GLY A 94 19.32 -25.61 -20.55
N PRO A 95 18.25 -25.18 -21.22
CA PRO A 95 17.31 -26.16 -21.75
C PRO A 95 17.94 -27.08 -22.80
N ASN A 96 17.35 -28.26 -22.93
CA ASN A 96 17.82 -29.26 -23.87
C ASN A 96 17.12 -29.03 -25.19
N VAL A 97 17.65 -28.11 -25.98
CA VAL A 97 17.09 -27.85 -27.29
C VAL A 97 18.17 -27.17 -28.08
N THR A 98 17.97 -27.09 -29.39
CA THR A 98 18.92 -26.45 -30.28
C THR A 98 18.19 -25.59 -31.26
N VAL A 99 18.69 -24.38 -31.46
CA VAL A 99 18.02 -23.42 -32.32
C VAL A 99 18.99 -22.82 -33.32
N ARG A 100 18.47 -22.47 -34.49
CA ARG A 100 19.26 -21.75 -35.45
C ARG A 100 18.91 -20.27 -35.21
N ALA A 101 19.91 -19.47 -34.86
CA ALA A 101 19.67 -18.09 -34.49
C ALA A 101 20.66 -17.23 -35.22
N ASN A 102 20.31 -15.97 -35.44
CA ASN A 102 21.22 -14.99 -36.01
C ASN A 102 22.47 -14.83 -35.12
N ILE A 103 23.63 -14.66 -35.75
CA ILE A 103 24.89 -14.56 -35.03
C ILE A 103 25.79 -13.57 -35.76
N ALA A 104 26.32 -12.59 -35.04
CA ALA A 104 27.30 -11.71 -35.62
C ALA A 104 28.67 -12.29 -35.32
N ALA A 105 29.48 -12.43 -36.36
CA ALA A 105 30.87 -12.79 -36.17
C ALA A 105 31.62 -11.49 -36.08
N ILE A 106 32.19 -11.20 -34.90
CA ILE A 106 32.89 -9.93 -34.73
C ILE A 106 34.25 -10.00 -35.40
N THR A 107 34.46 -9.13 -36.39
CA THR A 107 35.75 -9.06 -37.14
C THR A 107 36.70 -7.97 -36.62
N GLU A 108 36.13 -6.87 -36.13
CA GLU A 108 36.88 -5.71 -35.69
C GLU A 108 36.15 -5.14 -34.45
N SER A 109 36.88 -4.58 -33.48
CA SER A 109 36.22 -4.12 -32.25
C SER A 109 37.04 -3.16 -31.40
N ASP A 110 36.41 -2.17 -30.79
CA ASP A 110 37.11 -1.27 -29.89
C ASP A 110 36.45 -1.26 -28.53
N LYS A 111 37.22 -1.53 -27.48
CA LYS A 111 36.78 -1.44 -26.07
C LYS A 111 35.61 -2.35 -25.69
N PHE A 112 35.44 -3.44 -26.43
CA PHE A 112 34.35 -4.39 -26.16
C PHE A 112 34.73 -5.70 -25.44
N PHE A 113 35.76 -6.39 -25.91
CA PHE A 113 36.40 -7.47 -25.18
C PHE A 113 37.31 -6.92 -24.12
N ILE A 114 37.33 -7.64 -23.01
CA ILE A 114 37.94 -7.17 -21.78
C ILE A 114 39.01 -8.14 -21.43
N ASN A 115 40.12 -7.61 -20.92
CA ASN A 115 41.25 -8.44 -20.59
C ASN A 115 40.96 -9.48 -19.51
N GLY A 116 41.16 -10.74 -19.86
CA GLY A 116 40.89 -11.87 -18.97
C GLY A 116 39.53 -11.75 -18.34
N SER A 117 38.52 -11.51 -19.17
CA SER A 117 37.13 -11.53 -18.70
C SER A 117 36.66 -12.97 -18.76
N ASN A 118 37.21 -13.70 -19.72
CA ASN A 118 36.82 -15.08 -19.93
C ASN A 118 35.50 -15.23 -20.69
N TRP A 119 35.03 -14.15 -21.31
CA TRP A 119 34.00 -14.33 -22.33
C TRP A 119 34.55 -13.93 -23.69
N GLU A 120 33.91 -14.46 -24.72
CA GLU A 120 34.29 -14.27 -26.10
C GLU A 120 33.09 -13.87 -26.96
N GLY A 121 31.97 -13.58 -26.32
CA GLY A 121 30.73 -13.28 -27.04
C GLY A 121 29.77 -12.52 -26.15
N ILE A 122 28.62 -12.16 -26.71
CA ILE A 122 27.60 -11.45 -26.01
C ILE A 122 26.21 -11.84 -26.45
N LEU A 123 25.34 -12.01 -25.46
CA LEU A 123 23.98 -12.42 -25.70
C LEU A 123 23.03 -11.31 -25.28
N GLY A 124 22.62 -10.51 -26.25
CA GLY A 124 21.61 -9.47 -26.01
C GLY A 124 20.19 -10.03 -25.87
N LEU A 125 19.62 -9.91 -24.68
CA LEU A 125 18.32 -10.49 -24.39
C LEU A 125 17.16 -9.50 -24.53
N ALA A 126 17.47 -8.24 -24.77
CA ALA A 126 16.42 -7.23 -24.90
C ALA A 126 15.74 -7.41 -26.24
N TYR A 127 14.80 -6.55 -26.56
CA TYR A 127 13.86 -6.83 -27.63
C TYR A 127 14.35 -6.36 -29.01
N ALA A 128 13.64 -6.80 -30.03
CA ALA A 128 14.10 -6.58 -31.39
C ALA A 128 14.24 -5.10 -31.64
N GLU A 129 13.32 -4.29 -31.13
CA GLU A 129 13.33 -2.87 -31.48
C GLU A 129 14.73 -2.23 -31.44
N ILE A 130 15.62 -2.70 -30.57
CA ILE A 130 16.96 -2.10 -30.46
C ILE A 130 18.09 -2.91 -31.09
N ALA A 131 17.72 -3.92 -31.87
CA ALA A 131 18.67 -4.75 -32.61
C ALA A 131 19.33 -4.02 -33.76
N ARG A 132 20.61 -4.29 -33.97
CA ARG A 132 21.25 -3.76 -35.18
C ARG A 132 21.33 -4.84 -36.24
N PRO A 133 21.30 -4.49 -37.54
CA PRO A 133 21.08 -3.17 -38.18
C PRO A 133 19.66 -2.65 -38.03
N ASP A 134 18.70 -3.52 -37.74
CA ASP A 134 17.33 -3.08 -37.50
C ASP A 134 16.46 -4.20 -36.93
N ASP A 135 15.21 -3.95 -36.63
CA ASP A 135 14.42 -4.92 -35.89
C ASP A 135 14.38 -6.25 -36.66
N SER A 136 14.46 -6.22 -37.97
CA SER A 136 14.05 -7.40 -38.71
C SER A 136 14.83 -8.55 -38.12
N LEU A 137 15.93 -8.23 -37.46
CA LEU A 137 16.91 -9.19 -37.01
C LEU A 137 16.57 -9.82 -35.67
N GLU A 138 15.95 -10.99 -35.75
CA GLU A 138 15.41 -11.71 -34.63
C GLU A 138 16.50 -11.97 -33.62
N PRO A 139 16.35 -11.36 -32.42
CA PRO A 139 17.29 -11.71 -31.36
C PRO A 139 17.13 -13.17 -30.89
N PHE A 140 18.17 -13.65 -30.25
CA PHE A 140 18.29 -15.05 -29.93
C PHE A 140 17.08 -15.61 -29.17
N PHE A 141 16.62 -14.87 -28.15
CA PHE A 141 15.56 -15.39 -27.28
C PHE A 141 14.30 -15.52 -28.07
N ASP A 142 14.14 -14.64 -29.05
CA ASP A 142 12.94 -14.69 -29.89
C ASP A 142 12.96 -15.98 -30.68
N SER A 143 14.13 -16.33 -31.20
CA SER A 143 14.31 -17.56 -31.96
C SER A 143 14.00 -18.78 -31.09
N LEU A 144 14.60 -18.79 -29.90
CA LEU A 144 14.45 -19.90 -28.97
C LEU A 144 12.99 -20.19 -28.65
N VAL A 145 12.25 -19.12 -28.32
CA VAL A 145 10.81 -19.24 -28.09
C VAL A 145 10.04 -19.68 -29.36
N LYS A 146 10.37 -19.15 -30.54
CA LYS A 146 9.63 -19.56 -31.74
C LYS A 146 9.91 -21.00 -32.15
N GLN A 147 11.15 -21.42 -32.04
CA GLN A 147 11.53 -22.77 -32.48
C GLN A 147 11.34 -23.89 -31.45
N THR A 148 10.92 -23.55 -30.23
CA THR A 148 10.85 -24.55 -29.17
C THR A 148 9.69 -24.28 -28.25
N HIS A 149 9.53 -25.12 -27.24
CA HIS A 149 8.44 -24.99 -26.28
C HIS A 149 8.92 -24.32 -25.00
N VAL A 150 10.14 -23.77 -25.03
CA VAL A 150 10.65 -23.03 -23.89
C VAL A 150 9.78 -21.80 -23.66
N PRO A 151 9.12 -21.69 -22.50
CA PRO A 151 8.27 -20.51 -22.22
C PRO A 151 8.95 -19.14 -22.38
N ASN A 152 8.18 -18.11 -22.67
CA ASN A 152 8.75 -16.78 -22.96
C ASN A 152 9.08 -15.96 -21.70
N LEU A 153 9.92 -16.49 -20.80
CA LEU A 153 10.48 -15.66 -19.72
C LEU A 153 11.80 -16.22 -19.28
N PHE A 154 12.63 -15.42 -18.63
CA PHE A 154 13.87 -15.93 -18.03
C PHE A 154 14.19 -15.26 -16.69
N SER A 155 14.92 -15.93 -15.80
CA SER A 155 15.37 -15.32 -14.54
C SER A 155 16.87 -15.20 -14.33
N LEU A 156 17.31 -14.15 -13.64
CA LEU A 156 18.74 -13.87 -13.38
C LEU A 156 19.05 -13.63 -11.92
N GLN A 157 19.77 -14.57 -11.33
CA GLN A 157 20.24 -14.42 -9.96
C GLN A 157 21.73 -14.21 -10.06
N LEU A 158 22.17 -12.97 -9.83
CA LEU A 158 23.59 -12.62 -9.93
C LEU A 158 24.20 -12.43 -8.56
N CYS A 159 25.39 -12.99 -8.35
CA CYS A 159 26.05 -12.93 -7.05
C CYS A 159 27.45 -12.32 -7.10
N GLY A 160 27.78 -11.47 -6.13
CA GLY A 160 29.07 -10.83 -6.07
C GLY A 160 29.76 -11.30 -4.83
N ALA A 161 30.90 -11.94 -5.02
CA ALA A 161 31.60 -12.60 -3.91
C ALA A 161 32.32 -11.68 -2.89
N GLY A 162 32.87 -10.57 -3.36
CA GLY A 162 33.27 -9.49 -2.48
C GLY A 162 34.63 -9.47 -1.79
N PHE A 163 35.43 -10.51 -2.00
CA PHE A 163 36.84 -10.43 -1.67
C PHE A 163 37.41 -10.32 -3.07
N PRO A 164 38.11 -9.24 -3.38
CA PRO A 164 38.23 -8.94 -4.81
C PRO A 164 38.49 -10.24 -5.55
N LEU A 165 37.76 -10.48 -6.64
CA LEU A 165 37.96 -11.73 -7.40
C LEU A 165 39.11 -11.68 -8.44
N ASN A 166 40.09 -12.57 -8.29
CA ASN A 166 41.13 -12.84 -9.30
C ASN A 166 40.76 -13.77 -10.48
N GLN A 167 41.57 -13.76 -11.54
CA GLN A 167 41.22 -14.47 -12.80
C GLN A 167 41.14 -16.00 -12.59
N SER A 168 41.93 -16.52 -11.65
CA SER A 168 41.80 -17.93 -11.22
C SER A 168 40.64 -18.13 -10.24
N GLU A 169 40.10 -17.02 -9.71
CA GLU A 169 38.88 -17.02 -8.91
C GLU A 169 37.58 -16.77 -9.75
N VAL A 170 37.69 -16.15 -10.93
CA VAL A 170 36.50 -15.91 -11.79
C VAL A 170 36.04 -17.21 -12.46
N LEU A 171 37.00 -18.11 -12.70
CA LEU A 171 36.71 -19.48 -13.11
C LEU A 171 36.09 -20.28 -11.96
N ALA A 172 36.71 -20.19 -10.78
CA ALA A 172 36.30 -20.95 -9.58
C ALA A 172 34.99 -20.45 -8.94
N SER A 173 34.87 -19.13 -8.77
CA SER A 173 33.68 -18.50 -8.18
C SER A 173 32.38 -18.94 -8.87
N VAL A 174 31.31 -18.98 -8.10
CA VAL A 174 29.95 -19.05 -8.67
C VAL A 174 29.31 -17.66 -8.57
N GLY A 175 29.12 -17.05 -9.73
CA GLY A 175 28.54 -15.76 -9.85
C GLY A 175 27.04 -15.82 -9.89
N GLY A 176 26.45 -16.87 -10.46
CA GLY A 176 25.00 -16.90 -10.49
C GLY A 176 24.23 -17.89 -11.32
N SER A 177 22.97 -17.55 -11.58
CA SER A 177 22.08 -18.47 -12.29
C SER A 177 21.20 -17.71 -13.28
N MET A 178 21.02 -18.30 -14.46
CA MET A 178 20.05 -17.84 -15.43
C MET A 178 19.12 -19.00 -15.77
N ILE A 179 17.92 -18.91 -15.24
CA ILE A 179 16.90 -19.91 -15.50
C ILE A 179 16.18 -19.53 -16.79
N ILE A 180 16.34 -20.35 -17.82
CA ILE A 180 15.64 -20.11 -19.06
C ILE A 180 14.29 -20.80 -19.06
N GLY A 181 13.23 -20.02 -19.28
CA GLY A 181 11.87 -20.53 -19.46
C GLY A 181 11.17 -20.69 -18.15
N GLY A 182 11.70 -20.09 -17.08
CA GLY A 182 10.99 -20.18 -15.81
C GLY A 182 11.59 -19.48 -14.64
N ILE A 183 10.90 -19.71 -13.51
CA ILE A 183 11.25 -19.27 -12.16
C ILE A 183 11.65 -20.48 -11.29
N ASP A 184 12.80 -20.38 -10.62
CA ASP A 184 13.20 -21.43 -9.69
C ASP A 184 13.01 -20.91 -8.28
N HIS A 185 12.12 -21.53 -7.53
CA HIS A 185 11.70 -20.93 -6.27
C HIS A 185 12.71 -21.06 -5.15
N SER A 186 13.72 -21.89 -5.37
CA SER A 186 14.70 -22.15 -4.33
C SER A 186 15.72 -21.04 -4.27
N LEU A 187 15.76 -20.23 -5.31
CA LEU A 187 16.74 -19.18 -5.45
C LEU A 187 16.31 -17.79 -4.90
N TYR A 188 15.15 -17.70 -4.26
CA TYR A 188 14.73 -16.43 -3.65
C TYR A 188 13.84 -16.63 -2.44
N THR A 189 13.73 -15.59 -1.63
CA THR A 189 12.87 -15.60 -0.47
C THR A 189 11.88 -14.48 -0.56
N GLY A 190 10.88 -14.59 0.29
CA GLY A 190 9.80 -13.63 0.30
C GLY A 190 9.05 -13.87 -0.99
N SER A 191 8.32 -12.84 -1.41
CA SER A 191 7.53 -12.94 -2.62
C SER A 191 8.03 -11.98 -3.68
N LEU A 192 7.80 -12.35 -4.93
CA LEU A 192 8.10 -11.52 -6.09
C LEU A 192 7.18 -10.27 -6.24
N TRP A 193 7.77 -9.08 -6.46
CA TRP A 193 7.02 -7.91 -6.82
C TRP A 193 7.33 -7.58 -8.28
N TYR A 194 6.30 -7.32 -9.06
CA TYR A 194 6.46 -7.04 -10.46
C TYR A 194 6.19 -5.58 -10.76
N THR A 195 7.00 -5.03 -11.66
CA THR A 195 6.71 -3.72 -12.27
C THR A 195 6.49 -3.91 -13.77
N PRO A 196 5.56 -3.16 -14.38
CA PRO A 196 5.37 -3.38 -15.82
C PRO A 196 6.53 -2.92 -16.65
N ILE A 197 6.70 -3.58 -17.78
CA ILE A 197 7.65 -3.15 -18.78
C ILE A 197 6.97 -2.07 -19.63
N ARG A 198 7.28 -0.81 -19.36
CA ARG A 198 6.65 0.28 -20.11
C ARG A 198 6.55 0.04 -21.62
N ARG A 199 7.68 -0.32 -22.25
CA ARG A 199 7.77 -0.62 -23.67
C ARG A 199 8.80 -1.72 -23.96
N GLU A 200 8.51 -2.55 -24.95
CA GLU A 200 9.44 -3.63 -25.33
C GLU A 200 10.64 -3.40 -26.24
N TRP A 201 11.59 -2.60 -25.77
CA TRP A 201 12.84 -2.42 -26.47
C TRP A 201 14.02 -2.75 -25.59
N TYR A 202 14.49 -1.79 -24.80
CA TYR A 202 15.13 -2.13 -23.56
C TYR A 202 14.02 -2.67 -22.66
N TYR A 203 14.40 -3.31 -21.56
CA TYR A 203 13.45 -3.64 -20.50
C TYR A 203 13.34 -2.38 -19.65
N GLU A 204 12.37 -1.54 -19.99
CA GLU A 204 12.34 -0.17 -19.51
C GLU A 204 11.22 -0.06 -18.49
N VAL A 205 11.58 0.37 -17.30
CA VAL A 205 10.67 0.38 -16.18
C VAL A 205 10.47 1.83 -15.79
N ILE A 206 9.55 2.09 -14.85
CA ILE A 206 9.32 3.47 -14.34
C ILE A 206 9.46 3.52 -12.82
N ILE A 207 10.43 4.33 -12.38
CA ILE A 207 10.74 4.62 -10.98
C ILE A 207 9.84 5.77 -10.49
N VAL A 208 9.12 5.57 -9.39
CA VAL A 208 8.13 6.58 -8.95
C VAL A 208 8.47 7.28 -7.67
N ARG A 209 9.54 6.87 -7.02
CA ARG A 209 10.02 7.51 -5.81
C ARG A 209 11.44 7.01 -5.54
N VAL A 210 12.26 7.89 -4.97
CA VAL A 210 13.55 7.53 -4.41
C VAL A 210 13.75 8.07 -2.98
N GLU A 211 14.22 7.20 -2.09
CA GLU A 211 14.55 7.59 -0.73
C GLU A 211 15.93 7.12 -0.41
N ILE A 212 16.65 7.92 0.37
CA ILE A 212 17.97 7.61 0.87
C ILE A 212 17.95 7.64 2.40
N ASN A 213 18.12 6.46 3.02
CA ASN A 213 18.02 6.33 4.48
C ASN A 213 16.69 6.89 4.96
N GLY A 214 15.63 6.58 4.22
CA GLY A 214 14.30 7.06 4.56
C GLY A 214 13.95 8.50 4.19
N GLN A 215 14.74 9.17 3.36
CA GLN A 215 14.36 10.52 2.94
C GLN A 215 14.11 10.64 1.47
N ASP A 216 12.90 11.09 1.14
CA ASP A 216 12.47 11.35 -0.22
C ASP A 216 13.34 12.50 -0.78
N LEU A 217 13.83 12.33 -2.01
CA LEU A 217 14.54 13.40 -2.68
C LEU A 217 13.56 14.44 -3.15
N LYS A 218 12.27 14.12 -3.15
CA LYS A 218 11.22 15.10 -3.40
C LYS A 218 11.24 15.67 -4.84
N MET A 219 12.09 15.12 -5.71
CA MET A 219 12.13 15.52 -7.11
C MET A 219 10.87 15.06 -7.83
N ASP A 220 10.60 15.69 -8.97
CA ASP A 220 9.55 15.28 -9.90
C ASP A 220 10.03 13.95 -10.48
N CYS A 221 9.14 12.98 -10.59
CA CYS A 221 9.56 11.63 -10.90
C CYS A 221 10.29 11.62 -12.24
N LYS A 222 9.80 12.41 -13.20
CA LYS A 222 10.32 12.36 -14.56
C LYS A 222 11.82 12.38 -14.51
N GLU A 223 12.31 13.09 -13.50
CA GLU A 223 13.72 13.25 -13.29
C GLU A 223 14.40 11.92 -13.06
N TYR A 224 13.71 10.97 -12.44
CA TYR A 224 14.25 9.64 -12.19
C TYR A 224 14.28 8.81 -13.45
N ASN A 225 13.43 9.14 -14.44
CA ASN A 225 13.32 8.34 -15.67
C ASN A 225 13.55 9.11 -16.93
N TYR A 226 14.35 10.16 -16.81
CA TYR A 226 14.74 11.00 -17.91
C TYR A 226 16.05 10.48 -18.50
N ASP A 227 16.04 9.93 -19.71
CA ASP A 227 14.90 9.85 -20.61
C ASP A 227 14.27 8.45 -20.56
N LYS A 228 14.79 7.63 -19.67
CA LYS A 228 14.24 6.29 -19.44
C LYS A 228 14.95 5.68 -18.26
N SER A 229 14.36 4.62 -17.72
CA SER A 229 15.03 3.75 -16.76
C SER A 229 15.05 2.35 -17.38
N ILE A 230 16.18 1.67 -17.37
CA ILE A 230 16.19 0.26 -17.82
C ILE A 230 16.85 -0.67 -16.81
N VAL A 231 16.56 -1.96 -16.95
CA VAL A 231 17.28 -3.03 -16.25
C VAL A 231 18.31 -3.70 -17.18
N ASP A 232 19.59 -3.57 -16.83
CA ASP A 232 20.71 -3.88 -17.73
C ASP A 232 21.80 -4.76 -17.03
N SER A 233 21.73 -6.07 -17.20
CA SER A 233 22.70 -6.95 -16.59
C SER A 233 24.12 -6.69 -17.11
N GLY A 234 24.21 -6.07 -18.29
CA GLY A 234 25.50 -5.77 -18.93
C GLY A 234 26.10 -4.41 -18.61
N THR A 235 25.52 -3.68 -17.66
CA THR A 235 26.09 -2.41 -17.24
C THR A 235 26.49 -2.58 -15.79
N THR A 236 27.70 -2.22 -15.41
CA THR A 236 28.12 -2.57 -14.05
C THR A 236 27.45 -1.70 -13.01
N ASN A 237 27.53 -0.40 -13.19
CA ASN A 237 27.13 0.55 -12.16
C ASN A 237 25.62 0.79 -12.11
N LEU A 238 25.14 1.44 -11.04
CA LEU A 238 23.83 2.14 -11.09
C LEU A 238 24.09 3.55 -11.64
N ARG A 239 23.47 3.86 -12.77
CA ARG A 239 23.74 5.10 -13.48
C ARG A 239 22.53 5.95 -13.33
N LEU A 240 22.68 7.14 -12.75
CA LEU A 240 21.58 8.06 -12.56
C LEU A 240 21.72 9.28 -13.48
N PRO A 241 20.61 9.81 -13.95
CA PRO A 241 20.61 11.06 -14.74
C PRO A 241 21.08 12.28 -13.95
N LYS A 242 21.59 13.31 -14.62
CA LYS A 242 22.58 14.15 -13.99
C LYS A 242 22.04 14.79 -12.70
N LYS A 243 20.77 15.21 -12.68
CA LYS A 243 20.20 15.81 -11.47
C LYS A 243 20.11 14.81 -10.35
N VAL A 244 19.56 13.63 -10.64
CA VAL A 244 19.33 12.66 -9.58
C VAL A 244 20.68 12.29 -8.97
N PHE A 245 21.70 12.19 -9.83
CA PHE A 245 23.05 11.83 -9.43
C PHE A 245 23.68 12.81 -8.46
N GLU A 246 23.61 14.10 -8.77
CA GLU A 246 24.07 15.11 -7.82
C GLU A 246 23.30 15.02 -6.50
N ALA A 247 21.98 14.94 -6.58
CA ALA A 247 21.18 14.81 -5.36
C ALA A 247 21.59 13.63 -4.50
N ALA A 248 21.83 12.50 -5.11
CA ALA A 248 22.18 11.28 -4.37
C ALA A 248 23.59 11.37 -3.81
N VAL A 249 24.52 11.83 -4.63
CA VAL A 249 25.87 12.06 -4.14
C VAL A 249 25.88 13.03 -2.94
N LYS A 250 25.10 14.11 -2.96
CA LYS A 250 25.11 15.01 -1.79
C LYS A 250 24.69 14.23 -0.57
N SER A 251 23.54 13.59 -0.67
CA SER A 251 23.01 12.90 0.45
C SER A 251 23.98 11.87 1.02
N ILE A 252 24.70 11.19 0.13
CA ILE A 252 25.63 10.13 0.51
C ILE A 252 26.93 10.69 1.11
N LYS A 253 27.46 11.79 0.54
CA LYS A 253 28.63 12.45 1.07
C LYS A 253 28.28 12.77 2.48
N ALA A 254 27.24 13.58 2.63
CA ALA A 254 26.79 14.08 3.91
C ALA A 254 26.68 12.99 4.94
N ALA A 255 26.00 11.92 4.59
CA ALA A 255 25.82 10.78 5.48
C ALA A 255 27.14 10.10 5.88
N SER A 256 28.15 10.23 5.03
CA SER A 256 29.44 9.64 5.31
C SER A 256 30.51 10.69 5.67
N SER A 257 30.08 11.89 6.11
CA SER A 257 30.95 13.05 6.43
C SER A 257 32.15 12.76 7.32
N THR A 258 32.01 11.83 8.24
CA THR A 258 33.05 11.67 9.24
C THR A 258 34.32 11.41 8.46
N GLU A 259 34.21 10.68 7.35
CA GLU A 259 35.41 10.21 6.63
C GLU A 259 35.68 10.99 5.37
N LYS A 260 36.89 10.81 4.88
CA LYS A 260 37.44 11.59 3.78
C LYS A 260 37.85 10.70 2.63
N PHE A 261 37.53 11.16 1.44
CA PHE A 261 37.65 10.38 0.23
C PHE A 261 38.19 11.22 -0.90
N PRO A 262 39.01 10.69 -1.78
CA PRO A 262 39.52 11.51 -2.90
C PRO A 262 38.41 12.00 -3.84
N ASP A 263 38.51 13.24 -4.33
CA ASP A 263 37.38 13.92 -4.99
C ASP A 263 36.97 13.09 -6.20
N GLY A 264 37.97 12.40 -6.78
CA GLY A 264 37.78 11.42 -7.84
C GLY A 264 37.20 10.09 -7.39
N PHE A 265 36.95 9.94 -6.09
CA PHE A 265 36.28 8.77 -5.57
C PHE A 265 34.82 8.76 -5.98
N TRP A 266 34.19 9.92 -5.81
CA TRP A 266 32.78 10.08 -6.14
C TRP A 266 32.52 10.05 -7.63
N LEU A 267 33.56 10.22 -8.43
CA LEU A 267 33.44 9.98 -9.87
C LEU A 267 33.74 8.53 -10.26
N GLY A 268 34.14 7.71 -9.29
CA GLY A 268 34.29 6.28 -9.50
C GLY A 268 35.56 6.00 -10.26
N GLU A 269 36.47 6.98 -10.23
CA GLU A 269 37.77 6.90 -10.87
C GLU A 269 38.74 6.28 -9.88
N GLN A 270 38.77 6.80 -8.64
CA GLN A 270 39.69 6.32 -7.61
C GLN A 270 39.08 5.33 -6.60
N LEU A 271 39.94 4.54 -5.97
CA LEU A 271 39.55 3.60 -4.94
C LEU A 271 39.53 4.29 -3.60
N VAL A 272 38.93 3.62 -2.62
CA VAL A 272 39.25 3.88 -1.20
C VAL A 272 39.41 2.55 -0.53
N CYS A 273 40.22 2.57 0.52
CA CYS A 273 40.65 1.36 1.16
C CYS A 273 40.55 1.55 2.66
N TRP A 274 40.28 0.45 3.35
CA TRP A 274 40.27 0.46 4.77
C TRP A 274 41.01 -0.77 5.23
N GLN A 275 41.53 -0.72 6.45
CA GLN A 275 42.11 -1.89 7.09
C GLN A 275 41.10 -3.06 6.96
N ALA A 276 41.58 -4.26 6.65
CA ALA A 276 40.68 -5.39 6.35
C ALA A 276 39.52 -5.58 7.35
N GLY A 277 38.28 -5.55 6.88
CA GLY A 277 37.11 -5.68 7.75
C GLY A 277 36.87 -4.47 8.65
N THR A 278 37.46 -3.32 8.32
CA THR A 278 37.30 -2.05 9.04
C THR A 278 36.25 -1.17 8.39
N THR A 279 35.88 -1.48 7.15
CA THR A 279 35.14 -0.52 6.38
C THR A 279 33.87 -0.21 7.17
N PRO A 280 33.60 1.09 7.28
CA PRO A 280 32.52 1.62 8.06
C PRO A 280 31.20 1.62 7.27
N TRP A 281 30.72 0.44 6.90
CA TRP A 281 29.47 0.33 6.15
C TRP A 281 28.27 1.09 6.67
N ASN A 282 28.12 1.09 8.00
CA ASN A 282 26.99 1.74 8.67
C ASN A 282 26.85 3.25 8.39
N ILE A 283 27.91 3.89 7.92
CA ILE A 283 27.88 5.35 7.64
C ILE A 283 27.52 5.58 6.20
N PHE A 284 27.33 4.50 5.45
CA PHE A 284 26.78 4.63 4.12
C PHE A 284 25.30 4.24 4.13
N PRO A 285 24.47 5.06 3.47
CA PRO A 285 23.03 4.93 3.56
C PRO A 285 22.46 3.84 2.67
N VAL A 286 21.24 3.41 2.96
CA VAL A 286 20.51 2.58 2.02
C VAL A 286 19.82 3.47 1.03
N ILE A 287 19.51 2.94 -0.15
CA ILE A 287 18.82 3.66 -1.20
C ILE A 287 17.63 2.82 -1.58
N SER A 288 16.46 3.43 -1.54
CA SER A 288 15.22 2.74 -1.88
C SER A 288 14.64 3.34 -3.16
N LEU A 289 14.45 2.45 -4.13
CA LEU A 289 13.82 2.79 -5.41
C LEU A 289 12.43 2.22 -5.41
N TYR A 290 11.42 3.05 -5.64
CA TYR A 290 10.07 2.56 -5.79
C TYR A 290 9.73 2.37 -7.29
N LEU A 291 9.11 1.22 -7.60
CA LEU A 291 8.74 0.89 -8.97
C LEU A 291 7.25 0.79 -9.10
N MET A 292 6.76 1.20 -10.26
CA MET A 292 5.35 1.03 -10.58
C MET A 292 4.95 -0.45 -10.41
N GLY A 293 3.80 -0.65 -9.78
CA GLY A 293 3.27 -1.95 -9.57
C GLY A 293 2.31 -2.33 -10.65
N GLU A 294 1.53 -3.35 -10.34
CA GLU A 294 0.64 -4.02 -11.24
C GLU A 294 -0.80 -3.62 -11.05
N VAL A 295 -1.07 -2.78 -10.07
CA VAL A 295 -2.44 -2.41 -9.74
C VAL A 295 -2.51 -0.88 -9.57
N THR A 296 -3.69 -0.33 -9.83
CA THR A 296 -3.90 1.09 -9.86
C THR A 296 -3.37 1.69 -8.58
N ASN A 297 -2.62 2.76 -8.73
CA ASN A 297 -2.15 3.50 -7.59
C ASN A 297 -1.42 2.54 -6.65
N GLN A 298 -0.70 1.58 -7.21
CA GLN A 298 0.14 0.74 -6.34
C GLN A 298 1.62 0.71 -6.75
N SER A 299 2.47 0.82 -5.75
CA SER A 299 3.90 0.87 -5.90
C SER A 299 4.53 -0.24 -5.09
N PHE A 300 5.84 -0.43 -5.20
CA PHE A 300 6.62 -1.29 -4.30
C PHE A 300 8.05 -0.79 -4.36
N ARG A 301 8.90 -1.27 -3.47
CA ARG A 301 10.25 -0.72 -3.39
C ARG A 301 11.30 -1.79 -3.18
N ILE A 302 12.50 -1.52 -3.67
CA ILE A 302 13.64 -2.36 -3.44
C ILE A 302 14.67 -1.52 -2.78
N THR A 303 15.33 -2.11 -1.80
CA THR A 303 16.30 -1.39 -0.99
C THR A 303 17.73 -1.85 -1.22
N ILE A 304 18.59 -0.91 -1.63
CA ILE A 304 19.95 -1.25 -1.97
C ILE A 304 20.84 -0.84 -0.84
N LEU A 305 21.69 -1.78 -0.42
CA LEU A 305 22.67 -1.56 0.64
C LEU A 305 23.94 -0.98 0.05
N PRO A 306 24.75 -0.32 0.88
CA PRO A 306 26.00 0.18 0.33
C PRO A 306 26.93 -0.95 -0.10
N GLN A 307 26.72 -2.16 0.38
CA GLN A 307 27.60 -3.23 0.03
C GLN A 307 27.56 -3.32 -1.49
N GLN A 308 26.38 -3.08 -2.06
CA GLN A 308 26.22 -3.12 -3.51
C GLN A 308 26.84 -1.90 -4.22
N TYR A 309 26.50 -0.68 -3.85
CA TYR A 309 27.05 0.48 -4.57
C TYR A 309 28.53 0.86 -4.22
N LEU A 310 29.17 0.13 -3.33
CA LEU A 310 30.61 0.22 -3.18
C LEU A 310 31.14 -1.10 -3.65
N ARG A 311 31.51 -1.14 -4.91
CA ARG A 311 32.01 -2.36 -5.49
C ARG A 311 33.45 -2.63 -5.05
N PRO A 312 33.79 -3.89 -4.78
CA PRO A 312 35.17 -4.14 -4.37
C PRO A 312 36.14 -4.33 -5.57
N VAL A 313 37.40 -3.93 -5.37
CA VAL A 313 38.50 -4.19 -6.31
C VAL A 313 39.88 -4.14 -5.62
N GLU A 314 40.91 -4.70 -6.25
CA GLU A 314 42.18 -5.00 -5.55
C GLU A 314 43.16 -3.82 -5.42
N ASP A 315 43.97 -3.87 -4.36
CA ASP A 315 44.65 -2.68 -3.80
C ASP A 315 45.72 -2.08 -4.74
N VAL A 316 45.96 -0.78 -4.55
CA VAL A 316 47.10 -0.05 -5.18
C VAL A 316 48.49 -0.49 -4.64
N ALA A 317 48.55 -1.03 -3.42
CA ALA A 317 49.74 -1.71 -2.88
C ALA A 317 49.63 -3.25 -2.96
N THR A 318 48.53 -3.77 -3.50
CA THR A 318 48.33 -5.20 -3.52
C THR A 318 48.41 -5.72 -2.08
N SER A 319 47.90 -4.92 -1.16
CA SER A 319 47.79 -5.28 0.26
C SER A 319 46.41 -5.76 0.73
N GLN A 320 46.37 -6.40 1.89
CA GLN A 320 45.18 -7.07 2.39
C GLN A 320 44.01 -6.10 2.59
N ASP A 321 44.26 -4.92 3.13
CA ASP A 321 43.17 -4.06 3.56
C ASP A 321 42.25 -3.67 2.38
N ASP A 322 40.96 -3.63 2.67
CA ASP A 322 39.87 -3.74 1.67
C ASP A 322 39.60 -2.45 0.88
N CYS A 323 39.44 -2.60 -0.43
CA CYS A 323 39.26 -1.44 -1.30
C CYS A 323 37.97 -1.49 -2.12
N TYR A 324 37.46 -0.32 -2.48
CA TYR A 324 36.23 -0.24 -3.25
C TYR A 324 36.20 0.90 -4.25
N LYS A 325 35.35 0.71 -5.26
CA LYS A 325 35.00 1.75 -6.23
C LYS A 325 33.52 2.08 -6.03
N PHE A 326 33.20 3.36 -6.27
CA PHE A 326 31.84 3.88 -6.17
C PHE A 326 31.08 3.50 -7.43
N ALA A 327 30.17 2.54 -7.30
CA ALA A 327 29.40 1.97 -8.41
C ALA A 327 28.12 2.74 -8.75
N ILE A 328 28.02 3.98 -8.28
CA ILE A 328 26.96 4.87 -8.74
C ILE A 328 27.65 5.89 -9.66
N SER A 329 27.15 6.05 -10.88
CA SER A 329 27.74 6.99 -11.83
C SER A 329 26.70 7.76 -12.69
N GLN A 330 27.19 8.77 -13.41
CA GLN A 330 26.32 9.77 -13.99
C GLN A 330 25.96 9.32 -15.38
N SER A 331 24.74 9.68 -15.81
CA SER A 331 24.20 9.28 -17.11
C SER A 331 23.54 10.44 -17.84
N SER A 332 23.78 10.50 -19.13
CA SER A 332 23.16 11.50 -19.98
C SER A 332 22.12 10.81 -20.86
N THR A 333 21.93 9.51 -20.62
CA THR A 333 21.01 8.63 -21.38
C THR A 333 20.17 7.75 -20.43
N GLY A 334 19.70 8.35 -19.33
CA GLY A 334 18.69 7.69 -18.50
C GLY A 334 19.23 6.88 -17.35
N THR A 335 18.33 6.45 -16.49
CA THR A 335 18.66 5.62 -15.34
C THR A 335 18.93 4.19 -15.76
N VAL A 336 20.00 3.59 -15.25
CA VAL A 336 20.34 2.21 -15.59
C VAL A 336 20.53 1.40 -14.32
N MET A 337 19.65 0.43 -14.12
CA MET A 337 19.80 -0.42 -12.95
C MET A 337 20.69 -1.54 -13.41
N GLY A 338 21.97 -1.38 -13.07
CA GLY A 338 23.00 -2.27 -13.50
C GLY A 338 23.08 -3.56 -12.68
N ALA A 339 24.21 -4.25 -12.86
CA ALA A 339 24.46 -5.49 -12.18
C ALA A 339 24.60 -5.27 -10.69
N VAL A 340 25.19 -4.16 -10.25
CA VAL A 340 25.31 -3.98 -8.80
C VAL A 340 23.94 -3.95 -8.17
N ILE A 341 22.97 -3.36 -8.86
CA ILE A 341 21.63 -3.28 -8.31
C ILE A 341 20.96 -4.66 -8.37
N MET A 342 21.19 -5.38 -9.45
CA MET A 342 20.63 -6.73 -9.64
C MET A 342 21.22 -7.76 -8.67
N GLU A 343 22.47 -7.55 -8.27
CA GLU A 343 23.16 -8.52 -7.44
C GLU A 343 22.36 -8.94 -6.20
N GLY A 344 21.83 -7.98 -5.48
CA GLY A 344 20.99 -8.33 -4.36
C GLY A 344 19.76 -9.23 -4.58
N PHE A 345 19.26 -9.25 -5.82
CA PHE A 345 17.89 -9.70 -6.09
C PHE A 345 17.74 -10.86 -7.08
N TYR A 346 16.62 -11.55 -7.00
CA TYR A 346 16.20 -12.48 -8.05
C TYR A 346 15.25 -11.73 -8.98
N VAL A 347 15.66 -11.55 -10.23
CA VAL A 347 14.96 -10.75 -11.22
C VAL A 347 14.29 -11.60 -12.32
N VAL A 348 12.97 -11.56 -12.40
CA VAL A 348 12.27 -12.29 -13.42
C VAL A 348 11.89 -11.36 -14.54
N PHE A 349 12.27 -11.80 -15.74
CA PHE A 349 12.03 -11.08 -16.96
C PHE A 349 10.87 -11.86 -17.55
N ASP A 350 9.65 -11.41 -17.22
CA ASP A 350 8.44 -12.11 -17.62
C ASP A 350 7.96 -11.39 -18.87
N ARG A 351 8.67 -11.70 -19.96
CA ARG A 351 8.42 -11.13 -21.28
C ARG A 351 6.99 -11.40 -21.72
N ALA A 352 6.52 -12.59 -21.40
CA ALA A 352 5.19 -13.01 -21.79
C ALA A 352 4.11 -12.16 -21.15
N ARG A 353 4.29 -11.76 -19.90
CA ARG A 353 3.25 -10.94 -19.27
C ARG A 353 3.70 -9.48 -19.11
N LYS A 354 4.67 -9.07 -19.91
CA LYS A 354 5.09 -7.67 -20.00
C LYS A 354 5.37 -7.13 -18.62
N ARG A 355 6.13 -7.92 -17.86
CA ARG A 355 6.57 -7.47 -16.55
C ARG A 355 7.91 -8.04 -16.05
N ILE A 356 8.40 -7.43 -14.99
CA ILE A 356 9.64 -7.75 -14.44
C ILE A 356 9.46 -7.78 -12.96
N GLY A 357 9.85 -8.91 -12.37
CA GLY A 357 9.74 -9.11 -10.96
C GLY A 357 11.04 -9.15 -10.17
N PHE A 358 10.94 -8.67 -8.93
CA PHE A 358 12.02 -8.61 -7.99
C PHE A 358 11.66 -9.32 -6.68
N ALA A 359 12.64 -10.03 -6.14
CA ALA A 359 12.51 -10.66 -4.86
C ALA A 359 13.90 -10.71 -4.34
N VAL A 360 14.04 -10.74 -3.02
CA VAL A 360 15.38 -10.82 -2.46
C VAL A 360 16.03 -12.14 -2.87
N SER A 361 17.27 -12.06 -3.33
CA SER A 361 18.01 -13.25 -3.75
C SER A 361 18.48 -14.10 -2.58
N ALA A 362 18.45 -15.42 -2.77
CA ALA A 362 19.11 -16.32 -1.83
C ALA A 362 20.60 -15.93 -1.58
N CYS A 363 21.24 -15.45 -2.64
CA CYS A 363 22.64 -15.08 -2.69
C CYS A 363 23.00 -13.88 -1.82
N HIS A 364 22.10 -12.91 -1.72
CA HIS A 364 22.53 -11.57 -1.34
C HIS A 364 23.29 -11.55 -0.02
N VAL A 365 24.43 -10.88 -0.03
CA VAL A 365 25.26 -10.71 1.14
C VAL A 365 24.59 -9.76 2.11
N HIS A 366 24.72 -10.01 3.40
CA HIS A 366 24.08 -9.15 4.39
C HIS A 366 25.04 -8.50 5.37
N ASP A 367 24.95 -7.17 5.46
CA ASP A 367 25.44 -6.41 6.58
C ASP A 367 24.59 -6.62 7.83
N GLU A 368 25.27 -6.47 8.96
CA GLU A 368 24.89 -6.95 10.28
C GLU A 368 23.52 -6.45 10.70
N PHE A 369 23.36 -5.13 10.68
CA PHE A 369 22.17 -4.51 11.21
C PHE A 369 21.12 -4.14 10.14
N ARG A 370 21.47 -4.24 8.85
CA ARG A 370 20.51 -3.94 7.77
C ARG A 370 20.39 -5.08 6.79
N THR A 371 19.26 -5.08 6.09
CA THR A 371 19.01 -6.08 5.08
C THR A 371 18.32 -5.51 3.87
N ALA A 372 18.81 -5.87 2.68
CA ALA A 372 18.11 -5.61 1.41
C ALA A 372 16.72 -6.24 1.43
N ALA A 373 15.78 -5.54 0.80
CA ALA A 373 14.36 -5.93 0.85
C ALA A 373 13.59 -5.55 -0.41
N VAL A 374 12.51 -6.27 -0.61
CA VAL A 374 11.54 -5.86 -1.57
C VAL A 374 10.26 -5.83 -0.83
N GLU A 375 9.67 -4.66 -0.71
CA GLU A 375 8.52 -4.49 0.15
C GLU A 375 7.42 -3.75 -0.58
N GLY A 376 6.20 -4.20 -0.35
CA GLY A 376 5.03 -3.41 -0.64
C GLY A 376 3.84 -4.07 0.03
N PRO A 377 2.62 -3.62 -0.31
CA PRO A 377 2.34 -2.63 -1.33
C PRO A 377 2.49 -1.23 -0.77
N PHE A 378 2.76 -0.25 -1.62
CA PHE A 378 2.69 1.16 -1.28
C PHE A 378 1.67 1.84 -2.18
N VAL A 379 1.11 2.96 -1.71
CA VAL A 379 0.26 3.76 -2.56
C VAL A 379 1.06 4.93 -3.10
N THR A 380 0.86 5.21 -4.38
CA THR A 380 1.55 6.31 -5.07
C THR A 380 0.65 6.82 -6.19
N LEU A 381 0.32 8.11 -6.16
CA LEU A 381 -0.60 8.70 -7.15
C LEU A 381 0.10 9.21 -8.37
N ASP A 382 -0.66 9.23 -9.46
CA ASP A 382 -0.24 9.80 -10.73
C ASP A 382 1.09 9.18 -11.21
N MET A 383 1.14 7.85 -11.23
CA MET A 383 2.42 7.18 -11.53
C MET A 383 2.74 7.30 -12.99
N GLU A 384 1.72 7.27 -13.83
CA GLU A 384 1.91 7.47 -15.26
C GLU A 384 2.67 8.80 -15.53
N ASP A 385 2.43 9.84 -14.70
CA ASP A 385 3.13 11.13 -14.84
C ASP A 385 4.65 11.04 -14.71
N CYS A 386 5.15 9.95 -14.13
CA CYS A 386 6.58 9.74 -13.92
C CYS A 386 7.33 9.28 -15.15
N GLY A 387 6.62 8.71 -16.12
CA GLY A 387 7.21 8.30 -17.38
C GLY A 387 7.60 9.52 -18.18
N TYR A 388 8.83 9.55 -18.68
CA TYR A 388 9.28 10.65 -19.53
C TYR A 388 8.78 10.46 -20.94
N ASN A 389 8.15 11.49 -21.49
CA ASN A 389 7.84 11.58 -22.91
C ASN A 389 8.55 12.77 -23.52
N ILE A 390 8.63 12.79 -24.86
CA ILE A 390 9.22 13.93 -25.60
C ILE A 390 8.20 15.09 -25.68
N SER B 2 -7.83 37.72 15.07
CA SER B 2 -8.19 36.40 15.71
C SER B 2 -7.04 35.82 16.60
N PHE B 3 -6.22 34.94 16.01
CA PHE B 3 -5.29 34.10 16.75
C PHE B 3 -3.90 34.67 16.97
N VAL B 4 -3.52 35.67 16.19
CA VAL B 4 -2.22 36.32 16.32
C VAL B 4 -1.86 36.69 17.75
N GLU B 5 -2.86 37.08 18.53
CA GLU B 5 -2.61 37.47 19.94
C GLU B 5 -2.05 36.35 20.81
N MET B 6 -2.09 35.10 20.31
CA MET B 6 -1.69 33.90 21.03
C MET B 6 -0.38 33.30 20.54
N VAL B 7 0.16 33.77 19.43
CA VAL B 7 1.47 33.30 18.98
C VAL B 7 2.54 33.66 20.03
N ASP B 8 3.52 32.77 20.21
CA ASP B 8 4.61 33.03 21.15
C ASP B 8 4.18 33.33 22.58
N ASN B 9 3.00 32.81 22.98
CA ASN B 9 2.51 32.89 24.35
C ASN B 9 3.02 31.78 25.31
N LEU B 10 4.05 31.06 24.91
CA LEU B 10 4.58 30.02 25.74
C LEU B 10 6.05 30.18 25.98
N ARG B 11 6.47 29.83 27.18
CA ARG B 11 7.88 29.82 27.53
C ARG B 11 8.15 28.45 28.11
N GLY B 12 9.43 28.08 28.20
CA GLY B 12 9.84 26.81 28.74
C GLY B 12 10.66 25.97 27.77
N LYS B 13 10.78 24.70 28.11
CA LYS B 13 11.73 23.79 27.52
C LYS B 13 11.18 22.39 27.70
N SER B 14 11.48 21.48 26.78
CA SER B 14 11.17 20.05 26.96
C SER B 14 11.52 19.48 28.35
N GLY B 15 12.71 19.83 28.83
CA GLY B 15 13.26 19.38 30.12
C GLY B 15 12.37 19.63 31.30
N GLN B 16 11.78 20.83 31.37
CA GLN B 16 11.00 21.23 32.53
C GLN B 16 9.57 21.61 32.20
N GLY B 17 9.18 21.48 30.95
CA GLY B 17 7.81 21.76 30.55
C GLY B 17 7.60 23.12 29.93
N TYR B 18 6.56 23.25 29.13
CA TYR B 18 6.19 24.52 28.53
C TYR B 18 5.01 25.07 29.28
N TYR B 19 5.00 26.37 29.57
CA TYR B 19 3.90 26.99 30.34
C TYR B 19 3.33 28.23 29.73
N VAL B 20 2.13 28.56 30.17
CA VAL B 20 1.33 29.68 29.69
C VAL B 20 0.87 30.53 30.90
N GLU B 21 0.66 31.81 30.69
CA GLU B 21 0.21 32.68 31.76
C GLU B 21 -1.30 32.63 31.88
N MET B 22 -1.77 32.36 33.09
CA MET B 22 -3.19 32.43 33.40
C MET B 22 -3.39 33.33 34.60
N THR B 23 -4.64 33.56 34.95
CA THR B 23 -4.98 34.27 36.18
C THR B 23 -6.17 33.60 36.81
N VAL B 24 -6.27 33.69 38.13
CA VAL B 24 -7.39 33.08 38.84
C VAL B 24 -7.86 33.97 39.98
N GLY B 25 -9.15 33.87 40.29
CA GLY B 25 -9.80 34.66 41.34
C GLY B 25 -10.10 36.09 40.95
N SER B 26 -10.99 36.74 41.69
CA SER B 26 -11.17 38.18 41.64
C SER B 26 -10.74 38.66 43.01
N PRO B 27 -9.79 39.60 43.07
CA PRO B 27 -9.12 40.14 41.91
C PRO B 27 -8.14 39.08 41.37
N PRO B 28 -7.77 39.17 40.08
CA PRO B 28 -6.98 38.16 39.40
C PRO B 28 -5.59 38.02 39.96
N GLN B 29 -5.15 36.78 40.16
CA GLN B 29 -3.79 36.47 40.57
C GLN B 29 -3.11 35.81 39.40
N THR B 30 -2.02 36.39 38.93
CA THR B 30 -1.29 35.89 37.76
C THR B 30 -0.45 34.69 38.16
N LEU B 31 -0.60 33.59 37.42
CA LEU B 31 0.24 32.42 37.61
C LEU B 31 0.69 31.86 36.26
N ASN B 32 1.84 31.20 36.26
CA ASN B 32 2.30 30.44 35.09
C ASN B 32 1.93 28.98 35.22
N ILE B 33 1.26 28.46 34.21
CA ILE B 33 0.73 27.13 34.24
C ILE B 33 1.36 26.27 33.18
N LEU B 34 1.83 25.09 33.58
CA LEU B 34 2.38 24.12 32.63
C LEU B 34 1.28 23.48 31.85
N VAL B 35 1.55 23.36 30.58
CA VAL B 35 0.62 22.88 29.60
C VAL B 35 0.81 21.36 29.39
N ASP B 36 -0.19 20.58 29.80
CA ASP B 36 -0.11 19.12 29.83
C ASP B 36 -1.25 18.44 29.05
N THR B 37 -0.96 17.85 27.88
CA THR B 37 -1.98 17.10 27.11
C THR B 37 -2.06 15.67 27.57
N GLY B 38 -1.31 15.43 28.64
CA GLY B 38 -1.21 14.10 29.20
C GLY B 38 -1.79 14.02 30.57
N SER B 39 -2.65 14.95 30.96
CA SER B 39 -3.42 14.78 32.20
C SER B 39 -4.65 15.69 32.18
N SER B 40 -5.50 15.63 33.20
CA SER B 40 -6.81 16.30 33.07
C SER B 40 -7.22 17.26 34.18
N ASN B 41 -6.37 17.48 35.15
CA ASN B 41 -6.73 18.32 36.25
C ASN B 41 -6.11 19.67 36.10
N PHE B 42 -6.86 20.70 36.40
CA PHE B 42 -6.24 21.99 36.52
C PHE B 42 -5.91 22.14 37.98
N ALA B 43 -4.64 22.46 38.27
CA ALA B 43 -4.18 22.50 39.64
C ALA B 43 -3.00 23.41 39.86
N VAL B 44 -3.02 24.14 40.99
CA VAL B 44 -2.03 25.18 41.32
C VAL B 44 -1.59 25.16 42.77
N GLY B 45 -0.29 25.34 42.97
CA GLY B 45 0.22 25.34 44.31
C GLY B 45 -0.56 26.44 44.97
N ALA B 46 -1.10 26.09 46.11
CA ALA B 46 -2.01 26.95 46.89
C ALA B 46 -1.39 27.33 48.20
N ALA B 47 -0.10 27.03 48.34
CA ALA B 47 0.63 27.11 49.59
C ALA B 47 2.12 27.28 49.29
N PRO B 48 2.87 27.75 50.26
CA PRO B 48 4.31 27.94 50.10
C PRO B 48 5.05 26.68 49.75
N HIS B 49 6.17 26.83 49.06
CA HIS B 49 6.99 25.68 48.68
C HIS B 49 8.40 26.12 48.31
N PRO B 50 9.42 25.43 48.82
CA PRO B 50 10.78 25.90 48.56
C PRO B 50 11.00 26.46 47.14
N PHE B 51 10.56 25.74 46.12
CA PHE B 51 10.74 26.13 44.69
C PHE B 51 9.69 27.09 44.04
N LEU B 52 8.62 27.44 44.75
CA LEU B 52 7.57 28.31 44.20
C LEU B 52 7.73 29.77 44.57
N HIS B 53 7.71 30.65 43.57
CA HIS B 53 7.82 32.07 43.83
C HIS B 53 6.49 32.75 44.14
N ARG B 54 5.38 32.20 43.66
CA ARG B 54 4.06 32.74 44.04
C ARG B 54 3.06 31.61 44.15
N TYR B 55 1.87 31.88 44.71
CA TYR B 55 0.83 30.85 44.82
C TYR B 55 -0.61 31.35 45.00
N TYR B 56 -1.56 30.72 44.31
CA TYR B 56 -2.99 30.96 44.52
C TYR B 56 -3.31 31.10 46.00
N GLN B 57 -3.82 32.26 46.38
CA GLN B 57 -4.25 32.48 47.77
C GLN B 57 -5.79 32.59 47.88
N ARG B 58 -6.47 31.48 48.15
CA ARG B 58 -7.93 31.44 48.00
C ARG B 58 -8.68 32.51 48.79
N GLN B 59 -8.14 32.85 49.96
CA GLN B 59 -8.73 33.82 50.88
C GLN B 59 -8.86 35.22 50.23
N LEU B 60 -7.90 35.64 49.39
CA LEU B 60 -8.01 36.86 48.58
C LEU B 60 -8.96 36.81 47.36
N SER B 61 -9.67 35.70 47.14
CA SER B 61 -10.63 35.63 46.01
C SER B 61 -12.08 35.67 46.46
N SER B 62 -12.79 36.73 46.09
CA SER B 62 -14.22 36.87 46.38
C SER B 62 -15.04 35.89 45.60
N THR B 63 -14.54 35.52 44.43
CA THR B 63 -15.14 34.55 43.53
C THR B 63 -14.76 33.09 43.85
N TYR B 64 -13.93 32.86 44.90
CA TYR B 64 -13.51 31.52 45.29
C TYR B 64 -14.63 30.75 45.92
N ARG B 65 -14.95 29.60 45.36
CA ARG B 65 -15.86 28.70 46.02
C ARG B 65 -15.07 27.48 46.46
N ASP B 66 -15.48 26.87 47.56
CA ASP B 66 -14.90 25.64 48.04
C ASP B 66 -15.89 24.56 47.62
N LEU B 67 -15.35 23.40 47.24
CA LEU B 67 -16.17 22.25 46.95
C LEU B 67 -16.13 21.24 48.10
N ARG B 68 -15.34 21.53 49.15
CA ARG B 68 -15.20 20.66 50.33
C ARG B 68 -15.00 19.21 49.88
N LYS B 69 -13.96 18.98 49.08
CA LYS B 69 -13.50 17.64 48.65
C LYS B 69 -11.98 17.64 48.48
N GLY B 70 -11.38 16.50 48.81
CA GLY B 70 -9.95 16.32 48.67
C GLY B 70 -9.66 15.65 47.34
N VAL B 71 -8.40 15.69 46.94
CA VAL B 71 -8.00 15.12 45.67
C VAL B 71 -6.52 14.90 45.66
N TYR B 72 -6.15 13.79 45.08
CA TYR B 72 -4.79 13.35 44.96
C TYR B 72 -4.56 13.03 43.49
N VAL B 73 -3.45 13.49 42.92
CA VAL B 73 -3.07 13.08 41.55
C VAL B 73 -1.64 12.63 41.46
N PRO B 74 -1.47 11.42 40.93
CA PRO B 74 -0.15 10.82 40.72
C PRO B 74 0.19 10.71 39.23
N TYR B 75 1.41 11.13 38.91
CA TYR B 75 1.95 11.12 37.57
C TYR B 75 3.01 10.05 37.60
N THR B 76 3.59 9.70 36.44
CA THR B 76 4.59 8.64 36.47
C THR B 76 5.73 9.19 37.31
N GLN B 77 6.02 10.48 37.18
CA GLN B 77 7.03 11.16 38.01
C GLN B 77 6.44 11.88 39.24
N GLY B 78 5.13 11.93 39.37
CA GLY B 78 4.56 13.03 40.12
C GLY B 78 3.70 12.83 41.35
N LYS B 79 3.96 13.64 42.37
CA LYS B 79 3.21 13.57 43.62
C LYS B 79 2.57 14.90 44.05
N TRP B 80 1.29 14.85 44.41
CA TRP B 80 0.57 15.93 45.00
C TRP B 80 -0.83 15.59 45.42
N GLU B 81 -1.45 16.43 46.23
CA GLU B 81 -2.83 16.26 46.66
C GLU B 81 -3.30 17.66 47.03
N GLY B 82 -4.61 17.89 47.07
CA GLY B 82 -5.06 19.24 47.44
C GLY B 82 -6.58 19.23 47.63
N GLU B 83 -7.14 20.45 47.67
CA GLU B 83 -8.52 20.69 48.08
C GLU B 83 -9.24 21.29 46.87
N LEU B 84 -10.35 20.68 46.46
CA LEU B 84 -11.10 21.15 45.32
C LEU B 84 -11.99 22.38 45.55
N GLY B 85 -12.00 23.26 44.57
CA GLY B 85 -12.92 24.38 44.55
C GLY B 85 -13.05 24.91 43.14
N THR B 86 -13.85 25.95 42.97
CA THR B 86 -13.94 26.63 41.70
C THR B 86 -13.49 28.02 41.93
N ASP B 87 -13.25 28.75 40.84
CA ASP B 87 -12.93 30.17 40.86
C ASP B 87 -12.98 30.58 39.42
N LEU B 88 -12.82 31.87 39.15
CA LEU B 88 -12.80 32.35 37.76
C LEU B 88 -11.37 32.33 37.25
N VAL B 89 -11.22 32.11 35.96
CA VAL B 89 -9.92 31.88 35.36
C VAL B 89 -9.85 32.59 34.01
N SER B 90 -8.70 33.21 33.72
CA SER B 90 -8.46 33.84 32.40
C SER B 90 -7.09 33.54 31.81
N ILE B 91 -6.97 33.71 30.50
CA ILE B 91 -5.67 33.59 29.85
C ILE B 91 -5.35 34.92 29.18
N PRO B 92 -4.42 35.69 29.74
CA PRO B 92 -4.22 37.06 29.22
C PRO B 92 -3.81 37.09 27.74
N HIS B 93 -2.92 36.19 27.33
CA HIS B 93 -2.72 35.81 25.94
C HIS B 93 -3.52 34.52 25.66
N GLY B 94 -4.82 34.60 25.78
CA GLY B 94 -5.71 33.52 25.36
C GLY B 94 -7.05 34.16 25.17
N PRO B 95 -7.99 33.52 24.47
CA PRO B 95 -9.10 34.31 23.92
C PRO B 95 -9.92 35.05 25.00
N ASN B 96 -10.45 36.22 24.67
CA ASN B 96 -10.75 37.21 25.69
C ASN B 96 -12.08 36.74 26.24
N VAL B 97 -11.98 35.98 27.34
CA VAL B 97 -13.10 35.30 27.99
C VAL B 97 -12.66 34.85 29.39
N THR B 98 -13.64 34.69 30.28
CA THR B 98 -13.37 34.38 31.67
C THR B 98 -14.35 33.27 31.97
N VAL B 99 -13.82 32.17 32.52
CA VAL B 99 -14.63 30.97 32.80
C VAL B 99 -14.59 30.62 34.28
N ARG B 100 -15.66 30.00 34.79
CA ARG B 100 -15.56 29.37 36.09
C ARG B 100 -15.08 27.95 35.83
N ALA B 101 -14.09 27.49 36.60
CA ALA B 101 -13.49 26.21 36.37
C ALA B 101 -13.03 25.60 37.65
N ASN B 102 -13.19 24.29 37.76
CA ASN B 102 -12.58 23.53 38.85
C ASN B 102 -11.08 23.80 38.95
N ILE B 103 -10.61 24.04 40.17
CA ILE B 103 -9.22 24.29 40.47
C ILE B 103 -8.88 23.50 41.71
N ALA B 104 -7.76 22.79 41.66
CA ALA B 104 -7.31 21.97 42.76
C ALA B 104 -6.25 22.77 43.40
N ALA B 105 -6.51 23.22 44.61
CA ALA B 105 -5.57 24.02 45.34
C ALA B 105 -4.55 23.05 45.90
N ILE B 106 -3.31 23.10 45.43
CA ILE B 106 -2.29 22.13 45.88
C ILE B 106 -1.72 22.52 47.26
N THR B 107 -1.84 21.62 48.23
CA THR B 107 -1.34 21.86 49.59
C THR B 107 -0.12 20.99 50.00
N GLU B 108 -0.02 19.78 49.48
CA GLU B 108 1.20 18.98 49.67
C GLU B 108 1.64 18.48 48.29
N SER B 109 2.93 18.16 48.14
CA SER B 109 3.47 17.67 46.87
C SER B 109 4.83 17.00 47.04
N ASP B 110 5.15 16.03 46.19
CA ASP B 110 6.44 15.33 46.23
C ASP B 110 6.91 15.18 44.79
N LYS B 111 8.10 15.71 44.50
CA LYS B 111 8.76 15.56 43.20
C LYS B 111 7.93 16.05 42.01
N PHE B 112 7.01 16.98 42.27
CA PHE B 112 6.21 17.61 41.22
C PHE B 112 6.73 18.97 40.71
N PHE B 113 7.15 19.85 41.62
CA PHE B 113 7.52 21.18 41.28
C PHE B 113 9.01 21.05 40.96
N ILE B 114 9.46 21.67 39.88
CA ILE B 114 10.87 21.62 39.58
C ILE B 114 11.41 22.96 40.02
N ASN B 115 12.63 22.94 40.56
CA ASN B 115 13.37 24.14 40.92
C ASN B 115 13.78 25.01 39.70
N GLY B 116 13.32 26.28 39.73
CA GLY B 116 13.49 27.24 38.64
C GLY B 116 12.79 26.91 37.34
N SER B 117 11.60 26.31 37.43
CA SER B 117 10.83 25.96 36.22
C SER B 117 10.05 27.19 35.75
N ASN B 118 9.85 28.12 36.70
CA ASN B 118 9.10 29.34 36.45
C ASN B 118 7.61 29.08 36.28
N TRP B 119 7.13 27.85 36.50
CA TRP B 119 5.69 27.59 36.57
C TRP B 119 5.24 27.08 37.94
N GLU B 120 3.97 27.30 38.25
CA GLU B 120 3.43 27.11 39.60
C GLU B 120 2.14 26.32 39.59
N GLY B 121 1.78 25.78 38.43
CA GLY B 121 0.56 25.00 38.32
C GLY B 121 0.55 24.24 37.04
N ILE B 122 -0.49 23.45 36.84
CA ILE B 122 -0.55 22.59 35.67
C ILE B 122 -1.94 22.62 35.05
N LEU B 123 -1.98 22.77 33.74
CA LEU B 123 -3.22 22.71 32.97
C LEU B 123 -3.39 21.35 32.26
N GLY B 124 -4.23 20.48 32.83
CA GLY B 124 -4.54 19.17 32.21
C GLY B 124 -5.50 19.30 31.03
N LEU B 125 -5.02 19.02 29.82
CA LEU B 125 -5.78 19.34 28.61
C LEU B 125 -6.47 18.13 28.01
N ALA B 126 -6.27 17.00 28.68
CA ALA B 126 -6.84 15.73 28.27
C ALA B 126 -8.24 15.65 28.79
N TYR B 127 -8.87 14.52 28.53
CA TYR B 127 -10.31 14.35 28.78
C TYR B 127 -10.72 13.97 30.19
N ALA B 128 -12.00 14.14 30.49
CA ALA B 128 -12.61 13.78 31.82
C ALA B 128 -12.32 12.38 32.32
N GLU B 129 -12.33 11.38 31.44
CA GLU B 129 -12.10 10.02 31.90
C GLU B 129 -10.91 9.84 32.85
N ILE B 130 -9.75 10.39 32.50
CA ILE B 130 -8.56 10.25 33.37
C ILE B 130 -8.44 11.28 34.51
N ALA B 131 -9.41 12.17 34.63
CA ALA B 131 -9.41 13.13 35.73
C ALA B 131 -9.57 12.44 37.10
N ARG B 132 -8.82 12.95 38.07
CA ARG B 132 -8.95 12.60 39.47
C ARG B 132 -9.78 13.68 40.22
N PRO B 133 -10.63 13.28 41.17
CA PRO B 133 -10.91 11.93 41.66
C PRO B 133 -11.78 11.10 40.68
N ASP B 134 -12.55 11.76 39.83
CA ASP B 134 -13.41 11.10 38.84
C ASP B 134 -13.91 12.03 37.72
N ASP B 135 -14.43 11.39 36.68
CA ASP B 135 -14.83 12.05 35.44
C ASP B 135 -15.95 13.11 35.50
N SER B 136 -16.66 13.16 36.62
CA SER B 136 -17.58 14.26 36.89
C SER B 136 -16.85 15.56 37.18
N LEU B 137 -15.55 15.50 37.48
CA LEU B 137 -14.78 16.72 37.66
C LEU B 137 -14.37 17.41 36.33
N GLU B 138 -15.22 18.30 35.84
CA GLU B 138 -15.01 18.71 34.47
C GLU B 138 -13.60 19.27 34.42
N PRO B 139 -12.85 18.81 33.44
CA PRO B 139 -11.54 19.36 33.11
C PRO B 139 -11.71 20.74 32.49
N PHE B 140 -10.78 21.64 32.77
CA PHE B 140 -10.83 23.03 32.30
C PHE B 140 -11.25 23.30 30.86
N PHE B 141 -10.81 22.50 29.88
CA PHE B 141 -11.06 22.89 28.49
C PHE B 141 -12.53 22.57 28.22
N ASP B 142 -13.03 21.55 28.93
CA ASP B 142 -14.42 21.18 28.83
C ASP B 142 -15.26 22.38 29.35
N SER B 143 -14.83 22.98 30.47
CA SER B 143 -15.44 24.25 30.94
C SER B 143 -15.32 25.39 29.95
N LEU B 144 -14.11 25.68 29.49
CA LEU B 144 -13.92 26.75 28.49
C LEU B 144 -14.89 26.68 27.35
N VAL B 145 -15.02 25.50 26.76
CA VAL B 145 -15.86 25.35 25.59
C VAL B 145 -17.31 25.46 25.99
N LYS B 146 -17.67 24.93 27.15
CA LYS B 146 -19.08 24.85 27.53
C LYS B 146 -19.66 26.23 27.80
N GLN B 147 -18.84 27.12 28.33
CA GLN B 147 -19.29 28.46 28.78
C GLN B 147 -19.07 29.57 27.78
N THR B 148 -18.45 29.26 26.66
CA THR B 148 -17.95 30.25 25.67
C THR B 148 -18.24 29.79 24.23
N HIS B 149 -18.10 30.69 23.26
CA HIS B 149 -18.14 30.28 21.84
C HIS B 149 -16.74 29.95 21.23
N VAL B 150 -15.77 29.62 22.09
CA VAL B 150 -14.46 29.15 21.65
C VAL B 150 -14.68 27.75 21.10
N PRO B 151 -14.18 27.51 19.86
CA PRO B 151 -14.33 26.21 19.25
C PRO B 151 -13.61 25.10 20.01
N ASN B 152 -14.13 23.87 19.94
CA ASN B 152 -13.57 22.78 20.73
C ASN B 152 -12.35 22.17 20.03
N LEU B 153 -11.25 22.90 20.07
CA LEU B 153 -9.93 22.45 19.60
C LEU B 153 -8.83 23.41 20.00
N PHE B 154 -7.58 22.94 20.05
CA PHE B 154 -6.41 23.79 20.34
C PHE B 154 -5.21 23.26 19.59
N SER B 155 -4.17 24.10 19.52
CA SER B 155 -2.97 23.81 18.76
C SER B 155 -1.74 24.05 19.61
N LEU B 156 -0.73 23.19 19.48
CA LEU B 156 0.53 23.44 20.14
C LEU B 156 1.66 23.49 19.15
N GLN B 157 2.42 24.58 19.23
CA GLN B 157 3.70 24.72 18.58
C GLN B 157 4.78 24.88 19.64
N LEU B 158 5.48 23.81 19.98
CA LEU B 158 6.49 23.86 21.02
C LEU B 158 7.85 23.98 20.37
N CYS B 159 8.67 24.91 20.86
CA CYS B 159 9.91 25.30 20.21
C CYS B 159 11.12 24.90 21.03
N GLY B 160 11.92 24.03 20.43
CA GLY B 160 13.15 23.54 21.02
C GLY B 160 14.22 24.59 20.99
N ALA B 161 15.01 24.69 22.06
CA ALA B 161 15.93 25.79 22.21
C ALA B 161 16.91 25.80 21.05
N GLY B 162 17.32 24.63 20.59
CA GLY B 162 18.61 24.47 19.98
C GLY B 162 19.60 24.61 21.12
N PHE B 163 20.47 25.62 21.08
CA PHE B 163 21.50 25.74 22.10
C PHE B 163 20.91 25.86 23.51
N PRO B 164 21.62 25.20 24.51
CA PRO B 164 20.94 25.15 25.81
C PRO B 164 20.64 26.47 26.53
N LEU B 165 19.53 26.50 27.26
CA LEU B 165 19.08 27.71 27.93
C LEU B 165 19.17 27.60 29.45
N ASN B 166 19.81 28.61 30.02
CA ASN B 166 19.95 28.88 31.45
C ASN B 166 18.68 29.50 32.02
N GLN B 167 18.58 29.54 33.34
CA GLN B 167 17.28 29.83 33.99
C GLN B 167 16.49 31.10 33.64
N SER B 168 17.23 32.19 33.35
CA SER B 168 16.67 33.43 32.80
C SER B 168 16.58 33.38 31.28
N GLU B 169 17.12 32.30 30.69
CA GLU B 169 17.03 32.01 29.25
C GLU B 169 15.86 31.03 28.95
N VAL B 170 15.18 30.51 29.99
CA VAL B 170 13.85 29.85 29.81
C VAL B 170 12.85 30.95 29.51
N LEU B 171 13.03 32.08 30.22
CA LEU B 171 12.21 33.29 30.11
C LEU B 171 12.47 34.04 28.79
N ALA B 172 13.75 34.21 28.43
CA ALA B 172 14.15 34.82 27.14
C ALA B 172 13.85 33.88 25.95
N SER B 173 14.05 32.59 26.16
CA SER B 173 13.57 31.66 25.18
C SER B 173 12.09 31.97 25.15
N VAL B 174 11.62 32.22 23.94
CA VAL B 174 10.26 32.00 23.55
C VAL B 174 10.19 30.48 23.28
N GLY B 175 9.33 29.81 24.03
CA GLY B 175 9.20 28.40 23.93
C GLY B 175 8.19 27.98 22.88
N GLY B 176 7.18 28.80 22.60
CA GLY B 176 6.22 28.41 21.58
C GLY B 176 4.83 29.00 21.69
N SER B 177 3.87 28.30 21.10
CA SER B 177 2.52 28.83 20.95
C SER B 177 1.43 27.82 21.27
N MET B 178 0.42 28.27 21.98
CA MET B 178 -0.78 27.47 22.17
C MET B 178 -1.97 28.28 21.66
N ILE B 179 -2.44 27.85 20.49
CA ILE B 179 -3.55 28.51 19.85
C ILE B 179 -4.82 27.84 20.34
N ILE B 180 -5.55 28.54 21.19
CA ILE B 180 -6.75 28.03 21.78
C ILE B 180 -7.97 28.36 20.92
N GLY B 181 -8.72 27.35 20.51
CA GLY B 181 -9.92 27.57 19.73
C GLY B 181 -9.69 27.62 18.24
N GLY B 182 -8.47 27.29 17.79
CA GLY B 182 -8.22 27.17 16.37
C GLY B 182 -6.82 26.86 15.90
N ILE B 183 -6.55 27.23 14.65
CA ILE B 183 -5.34 26.90 13.95
C ILE B 183 -4.75 28.15 13.36
N ASP B 184 -3.48 28.45 13.67
CA ASP B 184 -2.81 29.63 13.12
C ASP B 184 -1.87 29.18 12.01
N HIS B 185 -2.02 29.79 10.84
CA HIS B 185 -1.31 29.32 9.66
C HIS B 185 0.10 29.77 9.49
N SER B 186 0.50 30.81 10.21
CA SER B 186 1.93 31.24 10.23
C SER B 186 2.87 30.19 10.84
N LEU B 187 2.28 29.33 11.65
CA LEU B 187 3.01 28.49 12.55
C LEU B 187 3.47 27.22 11.88
N TYR B 188 2.92 26.91 10.71
CA TYR B 188 3.33 25.69 10.01
C TYR B 188 3.55 25.87 8.54
N THR B 189 4.35 24.99 7.97
CA THR B 189 4.48 24.87 6.53
C THR B 189 3.94 23.52 6.13
N GLY B 190 3.62 23.32 4.86
CA GLY B 190 3.17 22.03 4.37
C GLY B 190 1.69 21.81 4.61
N SER B 191 1.28 20.54 4.51
CA SER B 191 -0.10 20.15 4.80
C SER B 191 -0.22 19.57 6.22
N LEU B 192 -1.40 19.76 6.81
CA LEU B 192 -1.77 19.09 8.04
C LEU B 192 -2.26 17.68 7.72
N TRP B 193 -1.91 16.70 8.54
CA TRP B 193 -2.35 15.32 8.36
C TRP B 193 -2.97 14.85 9.63
N TYR B 194 -4.10 14.18 9.53
CA TYR B 194 -4.87 13.80 10.70
C TYR B 194 -4.85 12.33 10.94
N THR B 195 -4.71 11.99 12.23
CA THR B 195 -4.85 10.64 12.74
C THR B 195 -5.99 10.64 13.77
N PRO B 196 -6.81 9.58 13.77
CA PRO B 196 -7.90 9.58 14.70
C PRO B 196 -7.38 9.53 16.10
N ILE B 197 -8.15 10.13 17.01
CA ILE B 197 -8.04 9.88 18.43
C ILE B 197 -8.83 8.61 18.67
N ARG B 198 -8.13 7.54 18.99
CA ARG B 198 -8.78 6.28 19.23
C ARG B 198 -9.89 6.35 20.27
N ARG B 199 -9.60 6.97 21.42
CA ARG B 199 -10.55 7.11 22.51
C ARG B 199 -10.24 8.36 23.30
N GLU B 200 -11.28 9.02 23.80
CA GLU B 200 -11.12 10.27 24.53
C GLU B 200 -10.84 10.26 26.01
N TRP B 201 -9.71 9.69 26.36
CA TRP B 201 -9.16 9.81 27.69
C TRP B 201 -7.81 10.54 27.71
N TYR B 202 -6.73 9.81 27.47
CA TYR B 202 -5.51 10.38 26.95
C TYR B 202 -5.77 10.75 25.51
N TYR B 203 -4.93 11.58 24.90
CA TYR B 203 -4.99 11.76 23.45
C TYR B 203 -4.38 10.52 22.81
N GLU B 204 -5.18 9.47 22.67
CA GLU B 204 -4.67 8.19 22.15
C GLU B 204 -4.66 8.10 20.63
N VAL B 205 -3.55 7.63 20.09
CA VAL B 205 -3.39 7.48 18.65
C VAL B 205 -2.76 6.12 18.34
N ILE B 206 -2.84 5.67 17.10
CA ILE B 206 -2.29 4.38 16.73
C ILE B 206 -1.05 4.54 15.85
N ILE B 207 0.05 3.95 16.30
CA ILE B 207 1.24 3.88 15.48
C ILE B 207 1.17 2.56 14.74
N VAL B 208 1.25 2.64 13.41
CA VAL B 208 1.10 1.45 12.56
C VAL B 208 2.41 0.93 12.00
N ARG B 209 3.43 1.80 11.97
CA ARG B 209 4.75 1.40 11.52
C ARG B 209 5.85 2.28 12.11
N VAL B 210 7.05 1.71 12.21
CA VAL B 210 8.25 2.43 12.61
C VAL B 210 9.44 2.12 11.71
N GLU B 211 10.09 3.17 11.23
CA GLU B 211 11.27 3.02 10.41
C GLU B 211 12.44 3.79 11.00
N ILE B 212 13.62 3.21 10.88
CA ILE B 212 14.82 3.91 11.28
C ILE B 212 15.80 3.91 10.13
N ASN B 213 16.23 5.10 9.73
CA ASN B 213 16.93 5.31 8.47
C ASN B 213 16.35 4.50 7.30
N GLY B 214 15.04 4.58 7.15
CA GLY B 214 14.35 3.94 6.04
C GLY B 214 14.19 2.43 6.20
N GLN B 215 14.56 1.87 7.36
CA GLN B 215 14.54 0.41 7.56
C GLN B 215 13.43 0.06 8.51
N ASP B 216 12.37 -0.53 7.96
CA ASP B 216 11.24 -0.97 8.76
C ASP B 216 11.74 -1.85 9.90
N LEU B 217 11.42 -1.45 11.10
CA LEU B 217 11.74 -2.21 12.28
C LEU B 217 11.08 -3.58 12.23
N LYS B 218 10.00 -3.71 11.47
CA LYS B 218 9.35 -5.01 11.26
C LYS B 218 8.87 -5.80 12.50
N MET B 219 8.26 -5.10 13.47
CA MET B 219 7.69 -5.74 14.64
C MET B 219 6.19 -5.80 14.44
N ASP B 220 5.48 -6.45 15.35
CA ASP B 220 4.03 -6.53 15.26
C ASP B 220 3.46 -5.19 15.73
N CYS B 221 2.57 -4.59 14.94
CA CYS B 221 2.21 -3.21 15.22
C CYS B 221 1.65 -3.10 16.65
N LYS B 222 1.05 -4.17 17.14
CA LYS B 222 0.36 -4.08 18.40
C LYS B 222 1.44 -3.64 19.39
N GLU B 223 2.66 -4.13 19.18
CA GLU B 223 3.75 -3.85 20.12
C GLU B 223 4.06 -2.38 20.25
N TYR B 224 3.72 -1.59 19.23
CA TYR B 224 3.96 -0.16 19.23
C TYR B 224 2.90 0.60 20.06
N ASN B 225 1.77 -0.03 20.36
CA ASN B 225 0.64 0.66 21.02
C ASN B 225 0.15 -0.13 22.23
N TYR B 226 1.10 -0.80 22.87
CA TYR B 226 0.85 -1.69 23.99
C TYR B 226 1.26 -1.00 25.25
N ASP B 227 0.34 -0.51 26.09
CA ASP B 227 -1.13 -0.61 25.99
C ASP B 227 -1.80 0.61 25.43
N LYS B 228 -1.02 1.67 25.23
CA LYS B 228 -1.48 2.93 24.66
C LYS B 228 -0.36 3.47 23.81
N SER B 229 -0.72 4.51 23.06
CA SER B 229 0.20 5.44 22.46
C SER B 229 -0.50 6.79 22.64
N ILE B 230 0.18 7.74 23.27
CA ILE B 230 -0.48 9.02 23.56
C ILE B 230 0.36 10.18 23.10
N VAL B 231 -0.21 11.38 23.03
CA VAL B 231 0.58 12.57 22.76
C VAL B 231 0.54 13.40 24.02
N ASP B 232 1.70 13.71 24.58
CA ASP B 232 1.83 14.18 25.95
C ASP B 232 2.92 15.26 26.05
N SER B 233 2.47 16.50 26.05
CA SER B 233 3.30 17.66 26.26
C SER B 233 3.98 17.67 27.60
N GLY B 234 3.41 16.97 28.56
CA GLY B 234 3.94 16.93 29.93
C GLY B 234 5.06 15.91 30.16
N THR B 235 5.32 15.08 29.16
CA THR B 235 6.36 14.12 29.27
C THR B 235 7.48 14.53 28.36
N THR B 236 8.70 14.56 28.87
CA THR B 236 9.80 15.12 28.10
C THR B 236 10.14 14.22 26.95
N ASN B 237 10.44 12.96 27.26
CA ASN B 237 11.13 12.10 26.33
C ASN B 237 10.20 11.45 25.37
N LEU B 238 10.74 10.81 24.35
CA LEU B 238 9.99 9.83 23.61
C LEU B 238 10.08 8.57 24.46
N ARG B 239 8.96 7.97 24.79
CA ARG B 239 8.99 6.75 25.59
C ARG B 239 8.37 5.56 24.87
N LEU B 240 9.01 4.41 24.98
CA LEU B 240 8.59 3.25 24.24
C LEU B 240 8.42 1.99 25.09
N PRO B 241 7.50 1.10 24.69
CA PRO B 241 7.46 -0.18 25.38
C PRO B 241 8.79 -0.97 25.25
N LYS B 242 9.01 -1.86 26.22
CA LYS B 242 10.34 -2.41 26.43
C LYS B 242 10.86 -3.14 25.19
N LYS B 243 10.00 -3.89 24.49
CA LYS B 243 10.49 -4.61 23.30
C LYS B 243 10.80 -3.69 22.12
N VAL B 244 9.99 -2.65 21.99
CA VAL B 244 10.20 -1.64 20.95
C VAL B 244 11.37 -0.76 21.26
N PHE B 245 11.47 -0.34 22.51
CA PHE B 245 12.61 0.44 22.97
C PHE B 245 13.93 -0.30 22.70
N GLU B 246 14.00 -1.58 23.08
CA GLU B 246 15.18 -2.41 22.80
C GLU B 246 15.52 -2.49 21.31
N ALA B 247 14.52 -2.70 20.48
CA ALA B 247 14.76 -2.77 19.05
C ALA B 247 15.31 -1.46 18.46
N ALA B 248 14.74 -0.33 18.88
CA ALA B 248 15.16 0.99 18.40
C ALA B 248 16.57 1.34 18.84
N VAL B 249 16.87 1.11 20.12
CA VAL B 249 18.21 1.40 20.62
C VAL B 249 19.24 0.60 19.84
N LYS B 250 18.95 -0.68 19.65
CA LYS B 250 19.81 -1.54 18.89
C LYS B 250 20.12 -1.00 17.50
N SER B 251 19.07 -0.57 16.80
CA SER B 251 19.24 0.00 15.48
C SER B 251 20.06 1.29 15.51
N ILE B 252 19.81 2.12 16.51
CA ILE B 252 20.53 3.38 16.65
C ILE B 252 22.00 3.10 17.00
N LYS B 253 22.22 2.17 17.94
CA LYS B 253 23.58 1.77 18.31
C LYS B 253 24.37 1.43 17.05
N ALA B 254 23.79 0.60 16.21
CA ALA B 254 24.46 0.15 15.00
C ALA B 254 24.74 1.32 14.07
N ALA B 255 23.74 2.17 13.89
CA ALA B 255 23.87 3.34 13.04
C ALA B 255 25.01 4.22 13.52
N SER B 256 25.16 4.31 14.85
CA SER B 256 26.17 5.15 15.46
C SER B 256 27.46 4.42 15.88
N SER B 257 27.67 3.16 15.42
CA SER B 257 28.86 2.34 15.78
C SER B 257 30.20 3.08 15.76
N THR B 258 30.35 4.05 14.88
CA THR B 258 31.68 4.58 14.62
C THR B 258 32.18 5.07 15.97
N GLU B 259 31.27 5.63 16.76
CA GLU B 259 31.63 6.17 18.07
C GLU B 259 31.03 5.37 19.21
N LYS B 260 31.67 5.49 20.37
CA LYS B 260 31.37 4.67 21.55
C LYS B 260 30.74 5.55 22.59
N PHE B 261 29.86 4.96 23.38
CA PHE B 261 29.18 5.66 24.47
C PHE B 261 29.04 4.81 25.73
N PRO B 262 29.29 5.42 26.93
CA PRO B 262 28.98 4.68 28.17
C PRO B 262 27.55 4.17 28.09
N ASP B 263 27.23 2.98 28.61
CA ASP B 263 25.85 2.44 28.43
C ASP B 263 24.81 3.22 29.26
N GLY B 264 25.28 3.92 30.29
CA GLY B 264 24.43 4.80 31.09
C GLY B 264 23.92 5.96 30.27
N PHE B 265 24.52 6.17 29.10
CA PHE B 265 24.05 7.18 28.16
C PHE B 265 22.75 6.74 27.50
N TRP B 266 22.82 5.54 26.93
CA TRP B 266 21.65 4.85 26.40
C TRP B 266 20.50 4.73 27.43
N LEU B 267 20.83 4.61 28.70
CA LEU B 267 19.79 4.58 29.72
C LEU B 267 19.27 5.95 30.09
N GLY B 268 20.01 7.01 29.79
CA GLY B 268 19.51 8.37 29.96
C GLY B 268 19.97 9.16 31.19
N GLU B 269 20.67 8.51 32.13
CA GLU B 269 21.17 9.24 33.31
C GLU B 269 22.44 10.01 32.98
N GLN B 270 23.18 9.50 31.99
CA GLN B 270 24.53 9.97 31.70
C GLN B 270 24.63 10.65 30.34
N LEU B 271 25.45 11.69 30.27
CA LEU B 271 25.55 12.61 29.12
C LEU B 271 26.56 12.17 28.07
N VAL B 272 26.52 12.81 26.90
CA VAL B 272 27.66 12.80 25.95
C VAL B 272 27.98 14.21 25.55
N CYS B 273 29.25 14.42 25.24
CA CYS B 273 29.76 15.73 24.93
C CYS B 273 30.71 15.64 23.73
N TRP B 274 30.81 16.74 23.01
CA TRP B 274 31.65 16.83 21.85
C TRP B 274 32.13 18.28 21.81
N GLN B 275 33.26 18.52 21.16
CA GLN B 275 33.79 19.89 20.96
C GLN B 275 32.75 20.82 20.28
N ALA B 276 32.49 21.97 20.87
CA ALA B 276 31.33 22.77 20.46
C ALA B 276 31.23 22.97 18.94
N GLY B 277 30.09 22.62 18.36
CA GLY B 277 29.86 22.69 16.92
C GLY B 277 30.34 21.54 16.04
N THR B 278 30.85 20.47 16.65
CA THR B 278 31.42 19.31 15.95
C THR B 278 30.61 17.98 16.14
N THR B 279 29.45 18.12 16.80
CA THR B 279 28.54 16.99 17.07
C THR B 279 28.37 16.28 15.74
N PRO B 280 28.52 14.96 15.70
CA PRO B 280 28.41 14.16 14.50
C PRO B 280 26.93 13.78 14.18
N TRP B 281 26.15 14.78 13.79
CA TRP B 281 24.72 14.59 13.63
C TRP B 281 24.50 13.52 12.57
N ASN B 282 25.32 13.56 11.53
CA ASN B 282 25.21 12.59 10.44
C ASN B 282 25.13 11.10 10.83
N ILE B 283 25.82 10.67 11.88
CA ILE B 283 25.91 9.24 12.20
C ILE B 283 24.70 8.76 13.00
N PHE B 284 23.79 9.67 13.29
CA PHE B 284 22.57 9.33 14.03
C PHE B 284 21.35 9.27 13.10
N PRO B 285 20.56 8.21 13.21
CA PRO B 285 19.51 7.94 12.25
C PRO B 285 18.25 8.73 12.50
N VAL B 286 17.38 8.79 11.49
CA VAL B 286 16.05 9.38 11.70
C VAL B 286 15.04 8.28 11.87
N ILE B 287 14.00 8.61 12.64
CA ILE B 287 12.99 7.68 13.05
C ILE B 287 11.70 8.15 12.44
N SER B 288 11.12 7.31 11.58
CA SER B 288 9.80 7.54 11.05
C SER B 288 8.73 6.85 11.89
N LEU B 289 7.83 7.65 12.47
CA LEU B 289 6.66 7.14 13.16
C LEU B 289 5.51 7.33 12.20
N TYR B 290 5.02 6.23 11.65
CA TYR B 290 3.84 6.31 10.82
C TYR B 290 2.61 6.23 11.72
N LEU B 291 1.63 7.08 11.45
CA LEU B 291 0.40 7.13 12.23
C LEU B 291 -0.75 6.81 11.33
N MET B 292 -1.76 6.18 11.91
CA MET B 292 -2.86 5.68 11.14
C MET B 292 -3.64 6.84 10.58
N GLY B 293 -3.97 6.74 9.29
CA GLY B 293 -4.82 7.69 8.62
C GLY B 293 -6.26 7.57 9.05
N GLU B 294 -7.00 8.68 9.00
CA GLU B 294 -8.44 8.60 9.21
C GLU B 294 -9.04 7.50 8.33
N VAL B 295 -8.32 7.17 7.27
CA VAL B 295 -8.62 6.02 6.47
C VAL B 295 -7.26 5.37 6.45
N THR B 296 -7.21 4.07 6.18
CA THR B 296 -5.93 3.38 6.06
C THR B 296 -5.25 4.01 4.86
N ASN B 297 -6.10 4.55 3.99
CA ASN B 297 -5.65 5.21 2.77
C ASN B 297 -4.91 6.47 3.24
N GLN B 298 -5.42 7.09 4.30
CA GLN B 298 -4.85 8.35 4.81
C GLN B 298 -3.41 8.34 5.36
N SER B 299 -3.04 7.28 6.06
CA SER B 299 -1.94 7.29 7.03
C SER B 299 -0.59 7.87 6.56
N PHE B 300 0.08 8.55 7.48
CA PHE B 300 1.22 9.42 7.23
C PHE B 300 2.32 9.10 8.19
N ARG B 301 3.41 9.85 8.11
CA ARG B 301 4.56 9.58 8.95
C ARG B 301 5.16 10.87 9.39
N ILE B 302 5.58 10.94 10.64
CA ILE B 302 6.31 12.09 11.11
C ILE B 302 7.74 11.63 11.22
N THR B 303 8.67 12.42 10.71
CA THR B 303 10.07 12.04 10.75
C THR B 303 10.82 12.88 11.75
N ILE B 304 11.57 12.18 12.60
CA ILE B 304 12.27 12.72 13.78
C ILE B 304 13.80 12.67 13.59
N LEU B 305 14.39 13.86 13.47
CA LEU B 305 15.84 14.01 13.36
C LEU B 305 16.48 13.83 14.73
N PRO B 306 17.78 13.48 14.77
CA PRO B 306 18.51 13.30 16.03
C PRO B 306 18.60 14.56 16.90
N GLN B 307 18.41 15.73 16.30
CA GLN B 307 18.48 16.94 17.08
C GLN B 307 17.39 16.72 18.12
N GLN B 308 16.26 16.17 17.67
CA GLN B 308 15.01 16.10 18.47
C GLN B 308 14.91 15.18 19.72
N TYR B 309 15.23 13.90 19.52
CA TYR B 309 15.36 12.90 20.58
C TYR B 309 16.55 13.09 21.52
N LEU B 310 17.72 13.40 20.95
CA LEU B 310 18.91 13.70 21.74
C LEU B 310 18.58 15.03 22.36
N ARG B 311 18.96 15.28 23.61
CA ARG B 311 18.38 16.47 24.19
C ARG B 311 19.53 17.25 24.80
N PRO B 312 19.69 18.52 24.39
CA PRO B 312 20.76 19.36 24.93
C PRO B 312 20.58 19.81 26.42
N VAL B 313 21.67 19.71 27.20
CA VAL B 313 21.72 20.13 28.62
C VAL B 313 22.99 20.98 28.89
N GLU B 314 23.11 21.55 30.08
CA GLU B 314 24.32 22.32 30.45
C GLU B 314 25.46 21.40 30.88
N ASP B 315 26.66 21.69 30.35
CA ASP B 315 27.86 20.84 30.50
C ASP B 315 28.08 20.38 31.95
N VAL B 316 28.22 19.07 32.15
CA VAL B 316 28.73 18.53 33.41
C VAL B 316 30.18 19.01 33.63
N ALA B 317 30.99 18.90 32.57
CA ALA B 317 32.41 19.24 32.60
C ALA B 317 32.68 20.76 32.59
N THR B 318 31.63 21.55 32.38
CA THR B 318 31.67 23.02 32.48
C THR B 318 32.50 23.75 31.39
N SER B 319 32.98 22.98 30.40
CA SER B 319 33.66 23.47 29.19
C SER B 319 32.72 23.92 28.06
N GLN B 320 33.27 24.55 27.04
CA GLN B 320 32.46 24.97 25.92
C GLN B 320 32.29 23.74 25.05
N ASP B 321 31.65 22.74 25.62
CA ASP B 321 31.42 21.48 24.95
C ASP B 321 29.92 21.28 24.83
N ASP B 322 29.47 21.04 23.60
CA ASP B 322 28.07 20.70 23.36
C ASP B 322 27.78 19.30 23.95
N CYS B 323 26.76 19.23 24.81
CA CYS B 323 26.45 18.00 25.53
C CYS B 323 24.96 17.67 25.44
N TYR B 324 24.66 16.37 25.51
CA TYR B 324 23.30 15.87 25.30
C TYR B 324 22.92 14.74 26.26
N LYS B 325 21.62 14.62 26.54
CA LYS B 325 20.98 13.38 27.07
C LYS B 325 20.18 12.65 26.01
N PHE B 326 20.22 11.33 26.10
CA PHE B 326 19.42 10.45 25.26
C PHE B 326 18.00 10.54 25.77
N ALA B 327 17.09 11.06 24.95
CA ALA B 327 15.73 11.35 25.38
C ALA B 327 14.73 10.21 25.20
N ILE B 328 15.15 9.12 24.60
CA ILE B 328 14.24 8.04 24.31
C ILE B 328 14.43 7.09 25.43
N SER B 329 13.38 6.79 26.17
CA SER B 329 13.50 5.93 27.31
C SER B 329 12.39 4.86 27.35
N GLN B 330 12.61 3.81 28.14
CA GLN B 330 11.71 2.64 28.20
C GLN B 330 10.43 2.96 28.94
N SER B 331 9.36 2.26 28.61
CA SER B 331 8.06 2.51 29.25
C SER B 331 7.40 1.18 29.44
N SER B 332 6.48 1.12 30.39
CA SER B 332 5.68 -0.06 30.59
C SER B 332 4.21 0.35 30.65
N THR B 333 3.94 1.57 30.21
CA THR B 333 2.60 2.11 30.15
C THR B 333 2.30 2.54 28.72
N GLY B 334 2.96 1.90 27.76
CA GLY B 334 2.76 2.23 26.34
C GLY B 334 3.68 3.33 25.86
N THR B 335 3.43 3.76 24.64
CA THR B 335 4.25 4.73 23.96
C THR B 335 3.84 6.13 24.36
N VAL B 336 4.82 6.94 24.72
CA VAL B 336 4.60 8.38 24.91
C VAL B 336 5.38 9.21 23.88
N MET B 337 4.62 9.94 23.07
CA MET B 337 5.20 10.88 22.14
C MET B 337 5.23 12.18 22.92
N GLY B 338 6.37 12.43 23.54
CA GLY B 338 6.52 13.56 24.45
C GLY B 338 6.97 14.82 23.72
N ALA B 339 7.38 15.82 24.50
CA ALA B 339 7.73 17.11 23.94
C ALA B 339 8.83 17.03 22.90
N VAL B 340 9.84 16.21 23.11
CA VAL B 340 10.91 16.14 22.13
C VAL B 340 10.36 15.70 20.76
N ILE B 341 9.33 14.87 20.76
CA ILE B 341 8.74 14.47 19.49
C ILE B 341 7.95 15.63 18.87
N MET B 342 7.17 16.30 19.71
CA MET B 342 6.33 17.44 19.32
C MET B 342 7.12 18.67 18.81
N GLU B 343 8.34 18.86 19.30
CA GLU B 343 9.03 20.10 19.07
C GLU B 343 9.12 20.54 17.59
N GLY B 344 9.53 19.66 16.70
CA GLY B 344 9.58 20.09 15.29
C GLY B 344 8.24 20.32 14.55
N PHE B 345 7.12 19.99 15.18
CA PHE B 345 5.84 19.95 14.49
C PHE B 345 4.83 20.82 15.15
N TYR B 346 3.80 21.14 14.38
CA TYR B 346 2.68 21.86 14.84
C TYR B 346 1.59 20.81 14.89
N VAL B 347 1.00 20.69 16.08
CA VAL B 347 0.18 19.57 16.47
C VAL B 347 -1.15 20.15 16.87
N VAL B 348 -2.18 19.75 16.11
CA VAL B 348 -3.55 20.22 16.28
C VAL B 348 -4.43 19.16 16.93
N PHE B 349 -4.95 19.50 18.12
CA PHE B 349 -5.82 18.68 18.93
C PHE B 349 -7.24 19.00 18.58
N ASP B 350 -7.80 18.28 17.63
CA ASP B 350 -9.10 18.63 17.04
C ASP B 350 -10.15 17.83 17.79
N ARG B 351 -10.48 18.31 18.98
CA ARG B 351 -11.38 17.57 19.83
C ARG B 351 -12.74 17.44 19.18
N ALA B 352 -13.19 18.47 18.50
CA ALA B 352 -14.47 18.43 17.77
C ALA B 352 -14.53 17.23 16.84
N ARG B 353 -13.51 17.06 16.01
CA ARG B 353 -13.52 16.02 14.98
C ARG B 353 -12.78 14.77 15.40
N LYS B 354 -12.46 14.66 16.69
CA LYS B 354 -11.85 13.45 17.24
C LYS B 354 -10.60 13.02 16.47
N ARG B 355 -9.69 13.94 16.27
CA ARG B 355 -8.50 13.65 15.52
C ARG B 355 -7.35 14.59 15.90
N ILE B 356 -6.12 14.15 15.62
CA ILE B 356 -4.92 14.94 15.84
C ILE B 356 -4.25 15.19 14.50
N GLY B 357 -3.81 16.43 14.27
CA GLY B 357 -3.13 16.78 13.04
C GLY B 357 -1.64 17.05 13.25
N PHE B 358 -0.81 16.68 12.28
CA PHE B 358 0.60 17.05 12.28
C PHE B 358 0.94 17.87 11.03
N ALA B 359 1.74 18.91 11.26
CA ALA B 359 2.43 19.60 10.18
C ALA B 359 3.81 20.03 10.61
N VAL B 360 4.70 20.21 9.65
CA VAL B 360 6.03 20.72 9.94
C VAL B 360 5.93 22.13 10.46
N SER B 361 6.62 22.38 11.60
CA SER B 361 6.57 23.68 12.27
C SER B 361 7.44 24.76 11.62
N ALA B 362 7.00 26.02 11.72
CA ALA B 362 7.86 27.16 11.36
C ALA B 362 9.13 27.26 12.20
N CYS B 363 8.96 26.89 13.47
CA CYS B 363 10.09 26.72 14.36
C CYS B 363 10.47 25.28 14.25
N HIS B 364 11.50 25.02 13.45
CA HIS B 364 12.11 23.69 13.36
C HIS B 364 13.63 23.78 13.40
N VAL B 365 14.27 22.90 14.16
CA VAL B 365 15.72 22.79 14.13
C VAL B 365 16.10 22.26 12.76
N HIS B 366 17.21 22.74 12.19
CA HIS B 366 17.52 22.35 10.83
C HIS B 366 18.94 21.81 10.65
N ASP B 367 19.01 20.48 10.49
CA ASP B 367 20.16 19.76 9.95
C ASP B 367 20.32 20.25 8.54
N GLU B 368 21.55 20.30 8.06
CA GLU B 368 21.80 20.92 6.76
C GLU B 368 21.61 19.94 5.61
N PHE B 369 21.63 18.64 5.88
CA PHE B 369 21.42 17.66 4.83
C PHE B 369 20.14 16.84 5.03
N ARG B 370 19.40 17.08 6.10
CA ARG B 370 18.12 16.40 6.37
C ARG B 370 17.14 17.38 6.97
N THR B 371 15.91 16.93 7.11
CA THR B 371 14.83 17.83 7.45
C THR B 371 13.58 17.09 7.99
N ALA B 372 13.15 17.48 9.20
CA ALA B 372 11.88 16.97 9.80
C ALA B 372 10.72 17.03 8.79
N ALA B 373 9.93 15.96 8.69
CA ALA B 373 8.81 15.94 7.72
C ALA B 373 7.48 15.37 8.25
N VAL B 374 6.37 15.78 7.63
CA VAL B 374 5.10 15.06 7.70
C VAL B 374 4.70 14.64 6.28
N GLU B 375 4.96 13.38 5.94
CA GLU B 375 4.68 12.91 4.57
C GLU B 375 3.60 11.82 4.43
N GLY B 376 2.90 11.86 3.32
CA GLY B 376 1.83 10.94 3.07
C GLY B 376 1.49 11.14 1.63
N PRO B 377 0.59 10.35 1.10
CA PRO B 377 -0.12 9.32 1.86
C PRO B 377 0.55 7.97 1.85
N PHE B 378 0.36 7.20 2.90
CA PHE B 378 1.04 5.92 3.02
C PHE B 378 0.03 4.86 3.40
N VAL B 379 0.31 3.61 3.03
CA VAL B 379 -0.56 2.54 3.47
C VAL B 379 -0.11 2.11 4.86
N THR B 380 -1.05 2.25 5.80
CA THR B 380 -0.84 1.82 7.19
C THR B 380 -1.77 0.66 7.43
N LEU B 381 -1.45 -0.19 8.41
CA LEU B 381 -2.20 -1.42 8.60
C LEU B 381 -3.66 -1.13 8.86
N ASP B 382 -4.52 -1.91 8.23
CA ASP B 382 -5.97 -1.70 8.30
C ASP B 382 -6.51 -1.69 9.73
N MET B 383 -6.02 -2.59 10.57
CA MET B 383 -6.39 -2.61 11.98
C MET B 383 -7.74 -3.30 12.21
N GLU B 384 -8.18 -3.37 13.47
CA GLU B 384 -7.40 -2.89 14.61
C GLU B 384 -6.45 -3.98 15.11
N ASP B 385 -5.59 -4.45 14.22
CA ASP B 385 -4.52 -5.36 14.58
C ASP B 385 -3.54 -4.65 15.51
N CYS B 386 -3.29 -3.38 15.17
CA CYS B 386 -2.28 -2.58 15.85
C CYS B 386 -2.79 -2.10 17.20
N GLY B 387 -4.06 -1.71 17.26
CA GLY B 387 -4.60 -1.18 18.50
C GLY B 387 -4.69 -2.25 19.58
N TYR B 388 -4.41 -1.87 20.81
CA TYR B 388 -4.40 -2.83 21.91
C TYR B 388 -5.79 -2.94 22.58
N ASN B 389 -6.29 -4.16 22.77
CA ASN B 389 -7.60 -4.36 23.41
C ASN B 389 -7.45 -5.10 24.74
N ILE B 390 -7.91 -4.44 25.82
CA ILE B 390 -7.71 -4.87 27.21
C ILE B 390 -8.85 -5.77 27.69
N GLY C 1 -15.75 -1.37 -28.00
CA GLY C 1 -15.32 -1.74 -29.41
C GLY C 1 -16.16 -2.86 -30.01
N SER C 2 -17.15 -2.52 -30.81
CA SER C 2 -18.11 -3.51 -31.30
C SER C 2 -19.07 -3.94 -30.19
N PHE C 3 -19.09 -3.18 -29.09
CA PHE C 3 -19.92 -3.48 -27.93
C PHE C 3 -21.12 -2.54 -27.76
N VAL C 4 -21.22 -1.51 -28.58
CA VAL C 4 -22.34 -0.60 -28.55
C VAL C 4 -23.68 -1.28 -28.90
N GLU C 5 -23.70 -2.25 -29.81
CA GLU C 5 -24.97 -3.01 -30.00
C GLU C 5 -25.48 -3.67 -28.70
N MET C 6 -24.58 -4.08 -27.81
CA MET C 6 -24.94 -4.86 -26.64
C MET C 6 -25.31 -3.96 -25.47
N VAL C 7 -24.96 -2.69 -25.53
CA VAL C 7 -25.33 -1.77 -24.46
C VAL C 7 -26.84 -1.64 -24.39
N ASP C 8 -27.37 -1.65 -23.18
CA ASP C 8 -28.81 -1.54 -22.97
C ASP C 8 -29.58 -2.80 -23.33
N ASN C 9 -28.87 -3.88 -23.67
CA ASN C 9 -29.55 -5.13 -24.02
C ASN C 9 -30.23 -5.85 -22.86
N LEU C 10 -30.25 -5.23 -21.68
CA LEU C 10 -30.91 -5.84 -20.52
C LEU C 10 -32.16 -5.16 -20.01
N ARG C 11 -33.21 -5.94 -19.85
CA ARG C 11 -34.40 -5.58 -19.12
C ARG C 11 -34.73 -6.20 -17.79
N GLY C 12 -35.46 -5.52 -16.91
CA GLY C 12 -35.72 -5.98 -15.55
C GLY C 12 -35.48 -5.09 -14.31
N LYS C 13 -35.71 -5.69 -13.16
CA LYS C 13 -35.38 -5.09 -11.86
C LYS C 13 -34.61 -6.11 -10.97
N SER C 14 -34.00 -5.61 -9.89
CA SER C 14 -33.35 -6.48 -8.89
C SER C 14 -34.33 -7.54 -8.31
N GLY C 15 -35.58 -7.12 -8.04
CA GLY C 15 -36.64 -7.97 -7.49
C GLY C 15 -36.96 -9.27 -8.22
N GLN C 16 -36.98 -9.21 -9.55
CA GLN C 16 -37.33 -10.35 -10.40
C GLN C 16 -36.25 -10.66 -11.42
N GLY C 17 -35.12 -9.99 -11.31
CA GLY C 17 -33.96 -10.25 -12.15
C GLY C 17 -33.93 -9.52 -13.47
N TYR C 18 -32.80 -9.64 -14.14
CA TYR C 18 -32.53 -8.98 -15.39
C TYR C 18 -32.48 -10.03 -16.48
N TYR C 19 -33.07 -9.74 -17.63
CA TYR C 19 -33.09 -10.73 -18.71
C TYR C 19 -32.55 -10.16 -19.98
N VAL C 20 -32.15 -11.07 -20.84
CA VAL C 20 -31.67 -10.72 -22.13
C VAL C 20 -32.50 -11.46 -23.17
N GLU C 21 -32.66 -10.86 -24.33
CA GLU C 21 -33.42 -11.53 -25.36
C GLU C 21 -32.54 -12.60 -26.02
N MET C 22 -33.07 -13.79 -26.23
CA MET C 22 -32.37 -14.80 -27.01
C MET C 22 -33.33 -15.47 -27.96
N THR C 23 -32.75 -16.30 -28.83
CA THR C 23 -33.55 -17.06 -29.77
C THR C 23 -33.01 -18.45 -29.88
N VAL C 24 -33.90 -19.43 -29.74
CA VAL C 24 -33.50 -20.82 -29.89
C VAL C 24 -34.25 -21.49 -31.04
N GLY C 25 -33.51 -22.26 -31.83
CA GLY C 25 -34.13 -23.19 -32.78
C GLY C 25 -34.35 -22.67 -34.18
N SER C 26 -34.65 -23.60 -35.07
CA SER C 26 -34.77 -23.36 -36.49
C SER C 26 -36.19 -23.72 -36.95
N PRO C 27 -36.99 -22.72 -37.32
CA PRO C 27 -36.66 -21.29 -37.32
C PRO C 27 -36.66 -20.68 -35.90
N PRO C 28 -36.16 -19.45 -35.79
CA PRO C 28 -35.93 -18.83 -34.48
C PRO C 28 -37.23 -18.65 -33.71
N GLN C 29 -37.16 -18.95 -32.42
CA GLN C 29 -38.22 -18.63 -31.46
C GLN C 29 -37.67 -17.72 -30.39
N THR C 30 -38.34 -16.61 -30.13
CA THR C 30 -37.82 -15.59 -29.23
C THR C 30 -38.26 -15.85 -27.78
N LEU C 31 -37.30 -15.76 -26.86
CA LEU C 31 -37.61 -15.82 -25.44
C LEU C 31 -36.79 -14.81 -24.70
N ASN C 32 -37.28 -14.43 -23.54
CA ASN C 32 -36.53 -13.57 -22.62
C ASN C 32 -35.89 -14.41 -21.53
N ILE C 33 -34.58 -14.28 -21.38
CA ILE C 33 -33.83 -15.16 -20.50
C ILE C 33 -33.13 -14.39 -19.41
N LEU C 34 -33.50 -14.72 -18.18
CA LEU C 34 -32.83 -14.21 -17.00
C LEU C 34 -31.33 -14.52 -17.03
N VAL C 35 -30.55 -13.62 -16.49
CA VAL C 35 -29.10 -13.70 -16.54
C VAL C 35 -28.57 -14.03 -15.15
N ASP C 36 -28.20 -15.30 -14.92
CA ASP C 36 -27.77 -15.80 -13.58
C ASP C 36 -26.25 -16.14 -13.47
N THR C 37 -25.49 -15.38 -12.67
CA THR C 37 -24.11 -15.75 -12.44
C THR C 37 -24.00 -16.69 -11.27
N GLY C 38 -25.16 -17.04 -10.71
CA GLY C 38 -25.23 -17.92 -9.54
C GLY C 38 -25.70 -19.34 -9.80
N SER C 39 -25.69 -19.76 -11.06
CA SER C 39 -26.13 -21.08 -11.46
C SER C 39 -25.56 -21.34 -12.84
N SER C 40 -25.63 -22.58 -13.34
CA SER C 40 -24.93 -22.94 -14.59
C SER C 40 -25.76 -23.76 -15.62
N ASN C 41 -27.08 -23.85 -15.44
CA ASN C 41 -27.94 -24.54 -16.42
C ASN C 41 -28.71 -23.58 -17.28
N PHE C 42 -28.67 -23.82 -18.59
CA PHE C 42 -29.42 -23.04 -19.53
C PHE C 42 -30.73 -23.74 -19.70
N ALA C 43 -31.82 -23.03 -19.42
CA ALA C 43 -33.11 -23.67 -19.25
C ALA C 43 -34.28 -22.72 -19.59
N VAL C 44 -35.23 -23.25 -20.35
CA VAL C 44 -36.39 -22.50 -20.82
C VAL C 44 -37.68 -23.23 -20.53
N GLY C 45 -38.70 -22.49 -20.09
CA GLY C 45 -40.07 -23.01 -20.06
C GLY C 45 -40.37 -23.64 -21.42
N ALA C 46 -40.90 -24.87 -21.39
CA ALA C 46 -41.20 -25.61 -22.63
C ALA C 46 -42.65 -26.06 -22.73
N ALA C 47 -43.52 -25.61 -21.82
CA ALA C 47 -44.94 -25.93 -21.85
C ALA C 47 -45.66 -24.88 -21.00
N PRO C 48 -46.95 -24.63 -21.27
CA PRO C 48 -47.58 -23.45 -20.69
C PRO C 48 -47.56 -23.41 -19.17
N HIS C 49 -47.35 -22.21 -18.63
CA HIS C 49 -47.50 -21.97 -17.21
C HIS C 49 -48.26 -20.68 -16.98
N PRO C 50 -49.05 -20.63 -15.90
CA PRO C 50 -49.89 -19.46 -15.63
C PRO C 50 -49.16 -18.13 -15.75
N PHE C 51 -47.86 -18.15 -15.48
CA PHE C 51 -47.01 -16.97 -15.51
C PHE C 51 -46.21 -16.78 -16.81
N LEU C 52 -46.25 -17.80 -17.66
CA LEU C 52 -45.54 -17.80 -18.94
C LEU C 52 -46.33 -17.23 -20.16
N HIS C 53 -45.87 -16.11 -20.69
CA HIS C 53 -46.40 -15.59 -21.95
C HIS C 53 -46.04 -16.46 -23.15
N ARG C 54 -44.83 -17.03 -23.18
CA ARG C 54 -44.32 -17.86 -24.32
C ARG C 54 -43.65 -19.14 -23.82
N TYR C 55 -43.25 -20.03 -24.75
CA TYR C 55 -42.34 -21.13 -24.44
C TYR C 55 -41.63 -21.81 -25.61
N TYR C 56 -40.69 -22.67 -25.24
CA TYR C 56 -39.94 -23.47 -26.20
C TYR C 56 -40.82 -24.59 -26.80
N GLN C 57 -41.01 -24.52 -28.11
CA GLN C 57 -41.75 -25.54 -28.84
C GLN C 57 -40.80 -26.36 -29.70
N ARG C 58 -40.24 -27.39 -29.07
CA ARG C 58 -39.21 -28.23 -29.68
C ARG C 58 -39.64 -28.92 -30.96
N GLN C 59 -40.91 -29.32 -31.02
CA GLN C 59 -41.50 -29.90 -32.25
C GLN C 59 -41.30 -29.00 -33.49
N LEU C 60 -41.33 -27.67 -33.29
CA LEU C 60 -41.19 -26.73 -34.39
C LEU C 60 -39.74 -26.43 -34.78
N SER C 61 -38.78 -27.02 -34.08
CA SER C 61 -37.39 -26.74 -34.42
C SER C 61 -36.75 -27.80 -35.30
N SER C 62 -36.22 -27.38 -36.44
CA SER C 62 -35.60 -28.34 -37.34
C SER C 62 -34.45 -29.03 -36.59
N THR C 63 -33.74 -28.26 -35.77
CA THR C 63 -32.49 -28.71 -35.20
C THR C 63 -32.51 -29.09 -33.70
N TYR C 64 -33.70 -29.13 -33.10
CA TYR C 64 -33.83 -29.68 -31.74
C TYR C 64 -33.24 -31.08 -31.84
N ARG C 65 -32.65 -31.50 -30.73
CA ARG C 65 -32.25 -32.89 -30.53
C ARG C 65 -32.63 -33.26 -29.12
N ASP C 66 -33.13 -34.47 -28.92
CA ASP C 66 -33.42 -34.94 -27.60
C ASP C 66 -32.20 -35.73 -27.15
N LEU C 67 -31.68 -35.37 -25.98
CA LEU C 67 -30.61 -36.14 -25.34
C LEU C 67 -31.19 -37.21 -24.42
N ARG C 68 -32.52 -37.19 -24.23
CA ARG C 68 -33.29 -38.25 -23.56
C ARG C 68 -32.87 -38.47 -22.14
N LYS C 69 -32.70 -37.37 -21.41
CA LYS C 69 -32.26 -37.37 -20.01
C LYS C 69 -33.09 -36.33 -19.29
N GLY C 70 -33.50 -36.64 -18.08
CA GLY C 70 -34.18 -35.68 -17.25
C GLY C 70 -33.11 -34.92 -16.51
N VAL C 71 -33.51 -33.80 -15.93
CA VAL C 71 -32.62 -32.94 -15.22
C VAL C 71 -33.45 -32.28 -14.17
N TYR C 72 -32.82 -31.99 -13.03
CA TYR C 72 -33.49 -31.31 -11.92
C TYR C 72 -32.57 -30.26 -11.33
N VAL C 73 -33.08 -29.04 -11.16
CA VAL C 73 -32.29 -27.98 -10.55
C VAL C 73 -32.98 -27.30 -9.37
N PRO C 74 -32.47 -27.52 -8.17
CA PRO C 74 -32.88 -26.73 -7.02
C PRO C 74 -32.08 -25.44 -6.89
N TYR C 75 -32.77 -24.34 -6.73
CA TYR C 75 -32.12 -23.13 -6.30
C TYR C 75 -32.49 -22.90 -4.83
N THR C 76 -31.88 -21.93 -4.18
CA THR C 76 -32.22 -21.60 -2.80
C THR C 76 -33.71 -21.32 -2.67
N GLN C 77 -34.29 -20.62 -3.63
CA GLN C 77 -35.73 -20.51 -3.76
C GLN C 77 -36.11 -20.77 -5.22
N GLY C 78 -36.81 -21.89 -5.44
CA GLY C 78 -37.29 -22.25 -6.78
C GLY C 78 -36.69 -23.55 -7.28
N LYS C 79 -37.48 -24.38 -7.97
CA LYS C 79 -37.01 -25.63 -8.55
C LYS C 79 -37.69 -25.80 -9.89
N TRP C 80 -37.05 -26.51 -10.81
CA TRP C 80 -37.70 -26.91 -12.03
C TRP C 80 -37.20 -28.29 -12.34
N GLU C 81 -37.94 -29.03 -13.16
CA GLU C 81 -37.47 -30.29 -13.72
C GLU C 81 -37.75 -30.31 -15.20
N GLY C 82 -36.87 -30.96 -15.97
CA GLY C 82 -37.04 -30.94 -17.43
C GLY C 82 -36.27 -31.96 -18.23
N GLU C 83 -36.39 -31.85 -19.54
CA GLU C 83 -35.82 -32.80 -20.47
C GLU C 83 -34.67 -32.13 -21.21
N LEU C 84 -33.56 -32.84 -21.26
CA LEU C 84 -32.38 -32.33 -21.87
C LEU C 84 -32.41 -32.51 -23.37
N GLY C 85 -31.99 -31.45 -24.05
CA GLY C 85 -31.75 -31.50 -25.47
C GLY C 85 -30.73 -30.44 -25.85
N THR C 86 -30.33 -30.45 -27.12
CA THR C 86 -29.45 -29.41 -27.66
C THR C 86 -30.05 -28.83 -28.94
N ASP C 87 -30.09 -27.50 -29.01
CA ASP C 87 -30.56 -26.77 -30.18
C ASP C 87 -29.77 -25.48 -30.37
N LEU C 88 -29.74 -24.96 -31.60
CA LEU C 88 -29.03 -23.72 -31.88
C LEU C 88 -29.61 -22.51 -31.14
N VAL C 89 -28.73 -21.63 -30.67
CA VAL C 89 -29.16 -20.43 -29.96
C VAL C 89 -28.38 -19.21 -30.43
N SER C 90 -29.03 -18.04 -30.35
CA SER C 90 -28.36 -16.77 -30.71
C SER C 90 -28.81 -15.71 -29.77
N ILE C 91 -28.05 -14.63 -29.75
CA ILE C 91 -28.39 -13.47 -28.96
C ILE C 91 -28.44 -12.28 -29.92
N PRO C 92 -29.67 -11.87 -30.29
CA PRO C 92 -29.91 -10.68 -31.14
C PRO C 92 -29.09 -9.47 -30.74
N HIS C 93 -29.27 -8.98 -29.51
CA HIS C 93 -28.40 -7.94 -28.98
C HIS C 93 -27.17 -8.57 -28.38
N GLY C 94 -26.31 -9.11 -29.23
CA GLY C 94 -25.12 -9.78 -28.76
C GLY C 94 -24.17 -9.99 -29.90
N PRO C 95 -23.11 -10.77 -29.70
CA PRO C 95 -22.25 -11.05 -30.85
C PRO C 95 -23.02 -11.65 -32.04
N ASN C 96 -22.50 -11.49 -33.25
CA ASN C 96 -23.10 -12.12 -34.42
C ASN C 96 -22.67 -13.58 -34.59
N VAL C 97 -23.27 -14.46 -33.79
CA VAL C 97 -22.90 -15.86 -33.77
C VAL C 97 -24.03 -16.78 -33.31
N THR C 98 -23.87 -18.05 -33.62
CA THR C 98 -24.90 -19.03 -33.41
C THR C 98 -24.23 -20.31 -32.94
N VAL C 99 -24.73 -20.83 -31.83
CA VAL C 99 -24.07 -21.92 -31.14
C VAL C 99 -25.03 -23.05 -30.91
N ARG C 100 -24.52 -24.27 -30.93
CA ARG C 100 -25.31 -25.38 -30.44
C ARG C 100 -25.03 -25.47 -28.95
N ALA C 101 -26.09 -25.45 -28.14
CA ALA C 101 -25.90 -25.49 -26.70
C ALA C 101 -26.94 -26.35 -26.03
N ASN C 102 -26.54 -26.95 -24.91
CA ASN C 102 -27.45 -27.71 -24.06
C ASN C 102 -28.62 -26.81 -23.58
N ILE C 103 -29.82 -27.34 -23.67
CA ILE C 103 -31.03 -26.66 -23.25
C ILE C 103 -31.88 -27.66 -22.50
N ALA C 104 -32.16 -27.32 -21.24
CA ALA C 104 -33.10 -28.05 -20.42
C ALA C 104 -34.44 -27.49 -20.79
N ALA C 105 -35.37 -28.33 -21.22
CA ALA C 105 -36.70 -27.89 -21.55
C ALA C 105 -37.55 -28.11 -20.33
N ILE C 106 -37.99 -27.03 -19.68
CA ILE C 106 -38.65 -27.12 -18.36
C ILE C 106 -40.09 -27.62 -18.45
N THR C 107 -40.35 -28.80 -17.88
CA THR C 107 -41.69 -29.41 -17.96
C THR C 107 -42.56 -29.17 -16.72
N GLU C 108 -41.94 -28.83 -15.60
CA GLU C 108 -42.66 -28.60 -14.36
C GLU C 108 -41.75 -27.89 -13.37
N SER C 109 -42.33 -27.02 -12.56
CA SER C 109 -41.56 -26.08 -11.80
C SER C 109 -42.32 -25.71 -10.56
N ASP C 110 -41.62 -25.15 -9.58
CA ASP C 110 -42.26 -24.61 -8.40
C ASP C 110 -41.52 -23.40 -7.92
N LYS C 111 -42.24 -22.30 -7.73
CA LYS C 111 -41.65 -21.12 -7.14
C LYS C 111 -40.42 -20.74 -7.97
N PHE C 112 -40.48 -20.99 -9.28
CA PHE C 112 -39.40 -20.61 -10.18
C PHE C 112 -39.70 -19.56 -11.27
N PHE C 113 -40.93 -19.55 -11.78
CA PHE C 113 -41.40 -18.53 -12.67
C PHE C 113 -42.15 -17.53 -11.80
N ILE C 114 -42.32 -16.31 -12.32
CA ILE C 114 -43.00 -15.23 -11.58
C ILE C 114 -44.02 -14.54 -12.50
N ASN C 115 -45.12 -14.07 -11.90
CA ASN C 115 -46.20 -13.38 -12.65
C ASN C 115 -45.70 -12.22 -13.48
N GLY C 116 -45.80 -12.34 -14.81
CA GLY C 116 -45.46 -11.25 -15.69
C GLY C 116 -44.03 -10.78 -15.48
N SER C 117 -43.12 -11.71 -15.24
CA SER C 117 -41.70 -11.36 -15.03
C SER C 117 -41.21 -10.80 -16.36
N ASN C 118 -41.78 -11.33 -17.44
CA ASN C 118 -41.29 -11.05 -18.77
C ASN C 118 -40.06 -11.87 -19.08
N TRP C 119 -39.75 -12.84 -18.22
CA TRP C 119 -38.74 -13.83 -18.60
C TRP C 119 -39.27 -15.27 -18.54
N GLU C 120 -38.88 -16.06 -19.53
CA GLU C 120 -39.42 -17.39 -19.71
C GLU C 120 -38.33 -18.46 -19.66
N GLY C 121 -37.14 -18.08 -19.23
CA GLY C 121 -36.05 -19.05 -19.07
C GLY C 121 -34.91 -18.43 -18.30
N ILE C 122 -33.79 -19.14 -18.25
CA ILE C 122 -32.69 -18.70 -17.40
C ILE C 122 -31.33 -19.08 -18.01
N LEU C 123 -30.34 -18.19 -17.83
CA LEU C 123 -29.00 -18.39 -18.37
C LEU C 123 -27.92 -18.44 -17.28
N GLY C 124 -27.48 -19.67 -16.96
CA GLY C 124 -26.49 -19.90 -15.93
C GLY C 124 -25.11 -19.71 -16.47
N LEU C 125 -24.43 -18.70 -15.95
CA LEU C 125 -23.12 -18.28 -16.47
C LEU C 125 -21.97 -18.70 -15.58
N ALA C 126 -22.34 -19.30 -14.46
CA ALA C 126 -21.42 -20.03 -13.59
C ALA C 126 -20.97 -21.38 -14.14
N TYR C 127 -19.87 -21.86 -13.59
CA TYR C 127 -19.01 -22.87 -14.17
C TYR C 127 -19.62 -24.26 -14.21
N ALA C 128 -18.98 -25.13 -14.96
CA ALA C 128 -19.54 -26.47 -15.14
C ALA C 128 -19.73 -27.28 -13.80
N GLU C 129 -18.87 -27.04 -12.81
CA GLU C 129 -18.88 -27.86 -11.63
C GLU C 129 -20.22 -27.88 -10.87
N ILE C 130 -21.04 -26.86 -11.02
CA ILE C 130 -22.31 -26.86 -10.31
C ILE C 130 -23.49 -27.13 -11.20
N ALA C 131 -23.25 -27.34 -12.49
CA ALA C 131 -24.33 -27.74 -13.40
C ALA C 131 -25.07 -29.04 -13.00
N ARG C 132 -26.33 -29.16 -13.35
CA ARG C 132 -27.06 -30.42 -13.14
C ARG C 132 -27.39 -31.08 -14.48
N PRO C 133 -27.47 -32.42 -14.51
CA PRO C 133 -27.22 -33.40 -13.45
C PRO C 133 -25.79 -33.47 -12.93
N ASP C 134 -24.81 -33.07 -13.76
CA ASP C 134 -23.39 -33.13 -13.40
C ASP C 134 -22.50 -32.30 -14.33
N ASP C 135 -21.20 -32.27 -14.07
CA ASP C 135 -20.37 -31.30 -14.75
C ASP C 135 -20.55 -31.54 -16.25
N SER C 136 -20.84 -32.76 -16.66
CA SER C 136 -20.48 -33.14 -18.01
C SER C 136 -21.17 -32.08 -18.87
N LEU C 137 -22.31 -31.62 -18.41
CA LEU C 137 -23.19 -30.76 -19.20
C LEU C 137 -22.60 -29.34 -19.41
N GLU C 138 -21.81 -29.21 -20.47
CA GLU C 138 -21.20 -27.94 -20.81
C GLU C 138 -22.24 -26.82 -20.68
N PRO C 139 -21.93 -25.76 -19.92
CA PRO C 139 -22.87 -24.71 -19.79
C PRO C 139 -22.78 -23.78 -20.97
N PHE C 140 -23.72 -22.85 -21.08
CA PHE C 140 -23.86 -22.11 -22.32
C PHE C 140 -22.60 -21.31 -22.70
N PHE C 141 -22.03 -20.55 -21.78
CA PHE C 141 -20.88 -19.70 -22.12
C PHE C 141 -19.66 -20.56 -22.59
N ASP C 142 -19.52 -21.72 -21.99
CA ASP C 142 -18.46 -22.61 -22.40
C ASP C 142 -18.66 -22.97 -23.85
N SER C 143 -19.91 -23.29 -24.20
CA SER C 143 -20.22 -23.61 -25.57
C SER C 143 -19.90 -22.39 -26.42
N LEU C 144 -20.32 -21.21 -25.99
CA LEU C 144 -20.09 -20.02 -26.80
C LEU C 144 -18.59 -19.81 -27.10
N VAL C 145 -17.76 -19.95 -26.08
CA VAL C 145 -16.36 -19.67 -26.26
C VAL C 145 -15.72 -20.74 -27.11
N LYS C 146 -16.22 -21.97 -26.99
CA LYS C 146 -15.66 -23.05 -27.76
C LYS C 146 -16.00 -22.96 -29.25
N GLN C 147 -17.24 -22.67 -29.58
CA GLN C 147 -17.62 -22.73 -30.97
C GLN C 147 -17.32 -21.44 -31.72
N THR C 148 -16.75 -20.44 -31.07
CA THR C 148 -16.64 -19.10 -31.69
C THR C 148 -15.35 -18.50 -31.26
N HIS C 149 -15.09 -17.30 -31.73
CA HIS C 149 -13.88 -16.59 -31.36
C HIS C 149 -14.19 -15.48 -30.36
N VAL C 150 -15.36 -15.58 -29.72
CA VAL C 150 -15.75 -14.63 -28.67
C VAL C 150 -14.80 -14.77 -27.47
N PRO C 151 -14.25 -13.63 -27.00
CA PRO C 151 -13.33 -13.78 -25.88
C PRO C 151 -14.00 -14.37 -24.64
N ASN C 152 -13.21 -14.99 -23.79
CA ASN C 152 -13.75 -15.67 -22.63
C ASN C 152 -13.86 -14.73 -21.45
N LEU C 153 -14.67 -13.69 -21.63
CA LEU C 153 -15.21 -12.95 -20.50
C LEU C 153 -16.54 -12.24 -20.81
N PHE C 154 -17.23 -11.83 -19.77
CA PHE C 154 -18.42 -11.00 -19.94
C PHE C 154 -18.47 -10.03 -18.79
N SER C 155 -19.28 -8.99 -18.94
CA SER C 155 -19.38 -7.97 -17.91
C SER C 155 -20.82 -7.53 -17.77
N LEU C 156 -21.25 -7.27 -16.53
CA LEU C 156 -22.63 -6.87 -16.21
C LEU C 156 -22.74 -5.48 -15.63
N GLN C 157 -23.50 -4.64 -16.32
CA GLN C 157 -23.99 -3.40 -15.73
C GLN C 157 -25.46 -3.53 -15.43
N LEU C 158 -25.80 -3.73 -14.16
CA LEU C 158 -27.19 -3.86 -13.76
C LEU C 158 -27.71 -2.58 -13.13
N CYS C 159 -28.73 -1.98 -13.73
CA CYS C 159 -29.16 -0.67 -13.29
C CYS C 159 -30.52 -0.65 -12.60
N GLY C 160 -30.54 -0.13 -11.38
CA GLY C 160 -31.75 0.27 -10.72
C GLY C 160 -31.63 1.74 -10.41
N ALA C 161 -32.25 2.56 -11.25
CA ALA C 161 -32.52 3.94 -10.90
C ALA C 161 -33.55 3.95 -9.78
N GLY C 162 -34.58 3.12 -9.97
CA GLY C 162 -35.66 2.96 -9.01
C GLY C 162 -36.61 4.14 -9.15
N PHE C 163 -37.79 4.07 -8.51
CA PHE C 163 -38.47 2.83 -8.15
C PHE C 163 -39.89 3.36 -7.88
N PRO C 164 -40.91 2.55 -8.12
CA PRO C 164 -40.74 1.18 -8.63
C PRO C 164 -41.50 0.92 -9.94
N LEU C 165 -40.89 0.18 -10.86
CA LEU C 165 -41.47 -0.12 -12.18
C LEU C 165 -42.66 -1.11 -12.26
N ASN C 166 -43.63 -0.74 -13.10
CA ASN C 166 -44.76 -1.59 -13.51
C ASN C 166 -44.43 -2.62 -14.61
N GLN C 167 -45.28 -3.64 -14.76
CA GLN C 167 -44.93 -4.81 -15.62
C GLN C 167 -44.78 -4.53 -17.14
N SER C 168 -45.56 -3.57 -17.66
CA SER C 168 -45.45 -3.13 -19.07
C SER C 168 -44.51 -1.92 -19.24
N GLU C 169 -43.93 -1.43 -18.13
CA GLU C 169 -42.90 -0.36 -18.17
C GLU C 169 -41.51 -0.99 -18.21
N VAL C 170 -41.30 -2.11 -17.51
CA VAL C 170 -40.01 -2.84 -17.50
C VAL C 170 -39.69 -3.46 -18.89
N LEU C 171 -40.65 -3.38 -19.81
CA LEU C 171 -40.37 -3.68 -21.19
C LEU C 171 -39.38 -2.63 -21.71
N ALA C 172 -39.64 -1.38 -21.32
CA ALA C 172 -38.77 -0.26 -21.63
C ALA C 172 -37.40 -0.37 -20.96
N SER C 173 -37.40 -0.83 -19.71
CA SER C 173 -36.19 -0.89 -18.90
C SER C 173 -35.15 -1.83 -19.52
N VAL C 174 -33.87 -1.52 -19.30
CA VAL C 174 -33.44 -0.33 -18.57
C VAL C 174 -32.96 0.85 -19.42
N GLY C 175 -32.00 0.55 -20.30
CA GLY C 175 -31.54 -0.81 -20.45
C GLY C 175 -30.21 -1.14 -19.80
N GLY C 176 -30.22 -2.16 -18.93
CA GLY C 176 -29.02 -2.72 -18.35
C GLY C 176 -28.13 -3.48 -19.33
N SER C 177 -26.83 -3.47 -19.11
CA SER C 177 -25.92 -4.15 -20.03
C SER C 177 -25.11 -5.40 -19.70
N MET C 178 -25.32 -6.44 -20.50
CA MET C 178 -24.48 -7.62 -20.53
C MET C 178 -23.65 -7.52 -21.75
N ILE C 179 -22.37 -7.19 -21.57
CA ILE C 179 -21.43 -7.06 -22.65
C ILE C 179 -20.74 -8.39 -22.76
N ILE C 180 -20.93 -9.12 -23.88
CA ILE C 180 -20.32 -10.46 -24.09
C ILE C 180 -18.97 -10.46 -24.82
N GLY C 181 -17.94 -11.00 -24.19
CA GLY C 181 -16.57 -10.91 -24.76
C GLY C 181 -15.84 -9.59 -24.53
N GLY C 182 -16.29 -8.73 -23.63
CA GLY C 182 -15.55 -7.49 -23.42
C GLY C 182 -16.01 -6.52 -22.35
N ILE C 183 -15.28 -5.41 -22.29
CA ILE C 183 -15.56 -4.30 -21.42
C ILE C 183 -15.98 -3.13 -22.27
N ASP C 184 -16.91 -2.33 -21.78
CA ASP C 184 -17.37 -1.15 -22.49
C ASP C 184 -17.09 0.05 -21.63
N HIS C 185 -16.37 1.00 -22.17
CA HIS C 185 -15.88 2.09 -21.33
C HIS C 185 -16.91 3.14 -20.99
N SER C 186 -18.09 3.07 -21.60
CA SER C 186 -19.17 3.99 -21.30
C SER C 186 -19.93 3.58 -20.03
N LEU C 187 -19.74 2.32 -19.61
CA LEU C 187 -20.55 1.78 -18.52
C LEU C 187 -19.99 2.06 -17.12
N TYR C 188 -18.82 2.67 -17.06
CA TYR C 188 -18.20 2.93 -15.77
C TYR C 188 -17.27 4.13 -15.77
N THR C 189 -16.92 4.57 -14.57
CA THR C 189 -16.02 5.66 -14.38
C THR C 189 -14.95 5.13 -13.47
N GLY C 190 -13.84 5.84 -13.39
CA GLY C 190 -12.71 5.40 -12.54
C GLY C 190 -11.95 4.15 -12.93
N SER C 191 -11.28 3.54 -11.99
CA SER C 191 -10.50 2.35 -12.29
C SER C 191 -11.24 1.08 -11.90
N LEU C 192 -11.08 0.05 -12.73
CA LEU C 192 -11.49 -1.32 -12.40
C LEU C 192 -10.53 -1.85 -11.37
N TRP C 193 -11.07 -2.51 -10.35
CA TRP C 193 -10.27 -3.24 -9.39
C TRP C 193 -10.68 -4.70 -9.42
N TYR C 194 -9.71 -5.58 -9.44
CA TYR C 194 -9.95 -6.98 -9.51
C TYR C 194 -9.70 -7.74 -8.22
N THR C 195 -10.63 -8.64 -7.93
CA THR C 195 -10.39 -9.68 -6.97
C THR C 195 -10.32 -11.04 -7.67
N PRO C 196 -9.48 -11.95 -7.14
CA PRO C 196 -9.29 -13.25 -7.82
C PRO C 196 -10.50 -14.10 -7.67
N ILE C 197 -10.70 -15.04 -8.58
CA ILE C 197 -11.76 -16.02 -8.41
C ILE C 197 -11.14 -17.15 -7.69
N ARG C 198 -11.64 -17.42 -6.49
CA ARG C 198 -11.02 -18.45 -5.65
C ARG C 198 -11.11 -19.80 -6.25
N ARG C 199 -12.30 -20.19 -6.66
CA ARG C 199 -12.52 -21.46 -7.33
C ARG C 199 -13.49 -21.24 -8.47
N GLU C 200 -13.33 -22.01 -9.55
CA GLU C 200 -14.25 -21.90 -10.67
C GLU C 200 -15.50 -22.77 -10.60
N TRP C 201 -16.36 -22.53 -9.62
CA TRP C 201 -17.67 -23.16 -9.58
C TRP C 201 -18.74 -22.08 -9.63
N TYR C 202 -19.06 -21.57 -8.45
CA TYR C 202 -19.76 -20.30 -8.31
C TYR C 202 -18.67 -19.26 -8.50
N TYR C 203 -19.05 -18.00 -8.71
CA TYR C 203 -18.04 -16.98 -8.88
C TYR C 203 -17.59 -16.60 -7.48
N GLU C 204 -16.82 -17.50 -6.87
CA GLU C 204 -16.44 -17.37 -5.47
C GLU C 204 -15.29 -16.39 -5.33
N VAL C 205 -15.46 -15.49 -4.38
CA VAL C 205 -14.45 -14.51 -4.03
C VAL C 205 -14.24 -14.53 -2.52
N ILE C 206 -13.18 -13.89 -2.07
CA ILE C 206 -12.84 -13.84 -0.65
C ILE C 206 -12.96 -12.44 -0.16
N ILE C 207 -13.84 -12.23 0.83
CA ILE C 207 -14.03 -10.92 1.45
C ILE C 207 -13.15 -10.88 2.69
N VAL C 208 -12.41 -9.78 2.87
CA VAL C 208 -11.33 -9.77 3.87
C VAL C 208 -11.48 -8.93 5.12
N ARG C 209 -12.47 -8.04 5.06
CA ARG C 209 -12.98 -7.33 6.22
C ARG C 209 -14.37 -6.86 5.81
N VAL C 210 -15.19 -6.45 6.78
CA VAL C 210 -16.27 -5.52 6.48
C VAL C 210 -16.31 -4.31 7.41
N GLU C 211 -16.75 -3.17 6.88
CA GLU C 211 -16.86 -1.96 7.68
C GLU C 211 -18.15 -1.30 7.36
N ILE C 212 -18.80 -0.80 8.41
CA ILE C 212 -20.09 -0.11 8.31
C ILE C 212 -19.98 1.31 8.83
N ASN C 213 -20.21 2.24 7.92
CA ASN C 213 -19.94 3.65 8.15
C ASN C 213 -18.61 3.83 8.89
N GLY C 214 -17.54 3.27 8.33
CA GLY C 214 -16.22 3.36 8.94
C GLY C 214 -16.00 2.48 10.17
N GLN C 215 -17.03 1.76 10.61
CA GLN C 215 -16.91 0.88 11.75
C GLN C 215 -16.71 -0.58 11.34
N ASP C 216 -15.47 -1.05 11.53
CA ASP C 216 -15.12 -2.46 11.37
C ASP C 216 -15.96 -3.35 12.31
N LEU C 217 -16.19 -4.59 11.89
CA LEU C 217 -17.02 -5.55 12.62
C LEU C 217 -16.24 -6.54 13.52
N LYS C 218 -14.92 -6.48 13.50
CA LYS C 218 -14.07 -7.20 14.46
C LYS C 218 -14.27 -8.73 14.41
N MET C 219 -14.82 -9.24 13.32
CA MET C 219 -15.14 -10.64 13.26
C MET C 219 -13.93 -11.32 12.70
N ASP C 220 -13.68 -12.55 13.12
CA ASP C 220 -12.73 -13.37 12.39
C ASP C 220 -13.10 -13.36 10.91
N CYS C 221 -12.07 -13.23 10.10
CA CYS C 221 -12.19 -13.00 8.68
C CYS C 221 -12.97 -14.15 7.92
N LYS C 222 -12.68 -15.41 8.29
CA LYS C 222 -13.40 -16.58 7.76
C LYS C 222 -14.91 -16.53 7.91
N GLU C 223 -15.39 -15.72 8.84
CA GLU C 223 -16.82 -15.63 9.11
C GLU C 223 -17.59 -14.97 7.95
N TYR C 224 -16.90 -14.11 7.18
CA TYR C 224 -17.50 -13.45 6.05
C TYR C 224 -17.70 -14.39 4.86
N ASN C 225 -16.97 -15.50 4.84
CA ASN C 225 -16.99 -16.41 3.69
C ASN C 225 -17.34 -17.83 4.10
N TYR C 226 -18.27 -17.93 5.05
CA TYR C 226 -18.68 -19.19 5.64
C TYR C 226 -20.04 -19.53 5.06
N ASP C 227 -20.16 -20.51 4.16
CA ASP C 227 -19.06 -21.37 3.66
C ASP C 227 -18.44 -20.88 2.36
N LYS C 228 -18.95 -19.77 1.82
CA LYS C 228 -18.38 -19.17 0.64
C LYS C 228 -18.89 -17.77 0.47
N SER C 229 -18.27 -17.01 -0.40
CA SER C 229 -18.83 -15.72 -0.82
C SER C 229 -18.90 -15.77 -2.34
N ILE C 230 -20.04 -15.43 -2.92
CA ILE C 230 -20.19 -15.47 -4.37
C ILE C 230 -20.88 -14.25 -4.91
N VAL C 231 -20.86 -14.10 -6.23
CA VAL C 231 -21.42 -12.97 -6.92
C VAL C 231 -22.49 -13.53 -7.84
N ASP C 232 -23.74 -13.13 -7.58
CA ASP C 232 -24.93 -13.83 -8.03
C ASP C 232 -26.03 -12.85 -8.43
N SER C 233 -26.09 -12.55 -9.72
CA SER C 233 -27.14 -11.66 -10.30
C SER C 233 -28.59 -12.22 -10.34
N GLY C 234 -28.75 -13.49 -9.98
CA GLY C 234 -30.06 -14.12 -9.82
C GLY C 234 -30.54 -14.11 -8.37
N THR C 235 -29.77 -13.48 -7.48
CA THR C 235 -30.21 -13.28 -6.10
C THR C 235 -30.33 -11.79 -5.87
N THR C 236 -31.48 -11.36 -5.40
CA THR C 236 -31.81 -9.96 -5.26
C THR C 236 -31.01 -9.26 -4.19
N ASN C 237 -31.03 -9.83 -3.00
CA ASN C 237 -30.46 -9.22 -1.82
C ASN C 237 -28.95 -9.41 -1.67
N LEU C 238 -28.38 -8.74 -0.69
CA LEU C 238 -27.08 -9.11 -0.16
C LEU C 238 -27.36 -10.06 0.98
N ARG C 239 -26.87 -11.29 0.90
CA ARG C 239 -27.16 -12.24 1.93
C ARG C 239 -25.89 -12.56 2.71
N LEU C 240 -25.98 -12.55 4.04
CA LEU C 240 -24.85 -12.75 4.90
C LEU C 240 -25.06 -13.94 5.78
N PRO C 241 -23.97 -14.63 6.17
CA PRO C 241 -24.08 -15.72 7.12
C PRO C 241 -24.62 -15.20 8.44
N LYS C 242 -25.11 -16.07 9.30
CA LYS C 242 -25.99 -15.67 10.41
C LYS C 242 -25.36 -14.71 11.43
N LYS C 243 -24.10 -14.94 11.82
CA LYS C 243 -23.42 -14.00 12.73
C LYS C 243 -23.20 -12.63 12.08
N VAL C 244 -22.75 -12.66 10.83
CA VAL C 244 -22.44 -11.46 10.12
C VAL C 244 -23.74 -10.65 9.89
N PHE C 245 -24.81 -11.32 9.50
CA PHE C 245 -26.09 -10.62 9.34
C PHE C 245 -26.53 -9.97 10.67
N GLU C 246 -26.40 -10.70 11.77
CA GLU C 246 -26.75 -10.18 13.11
C GLU C 246 -25.91 -9.01 13.64
N ALA C 247 -24.60 -9.08 13.44
CA ALA C 247 -23.73 -7.95 13.72
C ALA C 247 -24.14 -6.78 12.84
N ALA C 248 -24.48 -7.07 11.60
CA ALA C 248 -24.65 -6.02 10.60
C ALA C 248 -25.86 -5.17 10.92
N VAL C 249 -27.01 -5.80 11.09
CA VAL C 249 -28.22 -5.07 11.45
C VAL C 249 -28.02 -4.25 12.72
N LYS C 250 -27.34 -4.84 13.68
CA LYS C 250 -27.14 -4.18 14.96
C LYS C 250 -26.42 -2.86 14.72
N SER C 251 -25.48 -2.84 13.78
CA SER C 251 -24.87 -1.55 13.39
C SER C 251 -25.85 -0.67 12.65
N ILE C 252 -26.52 -1.23 11.66
CA ILE C 252 -27.40 -0.43 10.79
C ILE C 252 -28.59 0.13 11.59
N LYS C 253 -29.03 -0.56 12.65
CA LYS C 253 -30.02 -0.02 13.61
C LYS C 253 -29.47 1.15 14.41
N ALA C 254 -28.17 1.12 14.72
CA ALA C 254 -27.46 2.19 15.45
C ALA C 254 -27.23 3.59 14.80
N ALA C 255 -26.80 3.61 13.53
CA ALA C 255 -26.86 4.82 12.70
C ALA C 255 -28.25 5.30 12.22
N SER C 256 -29.24 4.42 12.22
CA SER C 256 -30.66 4.78 12.09
C SER C 256 -31.52 4.93 13.40
N SER C 257 -30.82 4.72 14.52
CA SER C 257 -31.44 4.44 15.84
C SER C 257 -32.60 5.41 16.08
N THR C 258 -32.45 6.67 15.66
CA THR C 258 -33.45 7.70 15.91
C THR C 258 -34.82 7.26 15.44
N GLU C 259 -34.91 6.71 14.23
CA GLU C 259 -36.19 6.30 13.66
C GLU C 259 -36.62 4.88 14.03
N LYS C 260 -37.92 4.70 14.19
CA LYS C 260 -38.48 3.46 14.67
C LYS C 260 -38.81 2.60 13.46
N PHE C 261 -38.64 1.28 13.63
CA PHE C 261 -38.84 0.29 12.56
C PHE C 261 -39.31 -1.06 13.12
N PRO C 262 -40.43 -1.62 12.60
CA PRO C 262 -40.89 -2.95 13.07
C PRO C 262 -39.87 -4.13 13.02
N ASP C 263 -40.11 -5.17 13.81
CA ASP C 263 -39.21 -6.32 13.85
C ASP C 263 -39.15 -7.04 12.50
N GLY C 264 -40.30 -7.17 11.85
CA GLY C 264 -40.40 -7.83 10.56
C GLY C 264 -39.83 -7.06 9.36
N PHE C 265 -39.49 -5.78 9.54
CA PHE C 265 -38.83 -5.01 8.50
C PHE C 265 -37.36 -5.39 8.32
N TRP C 266 -36.63 -5.55 9.43
CA TRP C 266 -35.26 -6.07 9.37
C TRP C 266 -35.25 -7.55 8.94
N LEU C 267 -36.35 -8.25 9.23
CA LEU C 267 -36.59 -9.53 8.60
C LEU C 267 -36.85 -9.34 7.09
N GLY C 268 -37.21 -8.13 6.68
CA GLY C 268 -37.34 -7.80 5.27
C GLY C 268 -38.63 -8.25 4.62
N GLU C 269 -39.66 -8.49 5.45
CA GLU C 269 -41.01 -8.82 4.96
C GLU C 269 -41.90 -7.56 4.93
N GLN C 270 -41.96 -6.84 6.06
CA GLN C 270 -42.72 -5.59 6.13
C GLN C 270 -41.96 -4.50 5.38
N LEU C 271 -42.62 -3.36 5.18
CA LEU C 271 -42.08 -2.26 4.38
C LEU C 271 -41.78 -1.04 5.25
N VAL C 272 -41.36 0.05 4.62
CA VAL C 272 -41.26 1.36 5.28
C VAL C 272 -41.68 2.38 4.24
N CYS C 273 -42.48 3.37 4.66
CA CYS C 273 -42.94 4.41 3.75
C CYS C 273 -42.58 5.82 4.21
N TRP C 274 -42.60 6.76 3.26
CA TRP C 274 -42.36 8.19 3.52
C TRP C 274 -42.83 8.96 2.28
N GLN C 275 -43.43 10.13 2.47
CA GLN C 275 -43.98 10.88 1.33
C GLN C 275 -42.89 11.18 0.32
N ALA C 276 -43.12 10.90 -0.95
CA ALA C 276 -41.97 10.74 -1.80
C ALA C 276 -41.13 12.02 -1.68
N GLY C 277 -39.84 11.80 -1.44
CA GLY C 277 -38.87 12.86 -1.21
C GLY C 277 -38.78 13.19 0.26
N THR C 278 -39.74 12.67 1.02
CA THR C 278 -39.73 12.72 2.47
C THR C 278 -38.59 11.91 3.08
N THR C 279 -38.35 10.75 2.49
CA THR C 279 -37.49 9.73 3.08
C THR C 279 -36.04 10.17 3.26
N PRO C 280 -35.41 9.80 4.38
CA PRO C 280 -34.05 10.29 4.63
C PRO C 280 -32.97 9.23 4.47
N TRP C 281 -32.15 9.41 3.43
CA TRP C 281 -30.98 8.57 3.19
C TRP C 281 -29.85 8.73 4.22
N ASN C 282 -29.61 9.96 4.63
CA ASN C 282 -28.40 10.32 5.37
C ASN C 282 -28.33 9.49 6.65
N ILE C 283 -29.48 9.30 7.28
CA ILE C 283 -29.58 8.56 8.54
C ILE C 283 -28.95 7.18 8.43
N PHE C 284 -29.01 6.61 7.22
CA PHE C 284 -28.51 5.26 6.95
C PHE C 284 -27.04 5.21 6.59
N PRO C 285 -26.31 4.25 7.20
CA PRO C 285 -24.87 4.07 7.00
C PRO C 285 -24.51 3.45 5.64
N VAL C 286 -23.22 3.50 5.30
CA VAL C 286 -22.70 2.85 4.09
C VAL C 286 -21.95 1.60 4.47
N ILE C 287 -22.02 0.60 3.59
CA ILE C 287 -21.34 -0.66 3.86
C ILE C 287 -20.18 -0.76 2.91
N SER C 288 -19.08 -1.28 3.45
CA SER C 288 -17.86 -1.45 2.73
C SER C 288 -17.41 -2.91 2.81
N LEU C 289 -17.35 -3.57 1.66
CA LEU C 289 -16.75 -4.90 1.61
C LEU C 289 -15.32 -4.78 1.07
N TYR C 290 -14.34 -5.28 1.82
CA TYR C 290 -13.00 -5.28 1.31
C TYR C 290 -12.74 -6.64 0.73
N LEU C 291 -12.13 -6.65 -0.44
CA LEU C 291 -11.94 -7.88 -1.19
C LEU C 291 -10.47 -8.12 -1.39
N MET C 292 -10.15 -9.37 -1.69
CA MET C 292 -8.73 -9.74 -1.91
C MET C 292 -8.29 -9.14 -3.24
N GLY C 293 -7.06 -8.63 -3.30
CA GLY C 293 -6.56 -8.00 -4.51
C GLY C 293 -5.74 -8.90 -5.39
N GLU C 294 -5.09 -8.31 -6.38
CA GLU C 294 -4.22 -9.01 -7.31
C GLU C 294 -2.76 -9.10 -6.90
N VAL C 295 -2.40 -8.45 -5.82
CA VAL C 295 -0.98 -8.27 -5.48
C VAL C 295 -0.81 -8.60 -3.99
N THR C 296 0.41 -8.96 -3.61
CA THR C 296 0.69 -9.43 -2.26
C THR C 296 0.24 -8.41 -1.20
N ASN C 297 -0.53 -8.86 -0.22
CA ASN C 297 -0.91 -7.97 0.87
C ASN C 297 -1.63 -6.79 0.25
N GLN C 298 -2.30 -7.06 -0.86
CA GLN C 298 -3.25 -6.12 -1.47
C GLN C 298 -4.70 -6.29 -1.01
N SER C 299 -5.48 -5.21 -1.10
CA SER C 299 -6.91 -5.26 -0.87
C SER C 299 -7.57 -4.04 -1.57
N PHE C 300 -8.86 -4.13 -1.89
CA PHE C 300 -9.62 -2.92 -2.28
C PHE C 300 -10.99 -3.02 -1.69
N ARG C 301 -11.74 -1.91 -1.66
CA ARG C 301 -13.10 -1.97 -1.16
C ARG C 301 -14.12 -1.41 -2.10
N ILE C 302 -15.26 -2.06 -2.11
CA ILE C 302 -16.46 -1.53 -2.75
C ILE C 302 -17.30 -1.00 -1.62
N THR C 303 -17.88 0.18 -1.80
CA THR C 303 -18.75 0.77 -0.79
C THR C 303 -20.17 0.86 -1.32
N ILE C 304 -21.09 0.22 -0.62
CA ILE C 304 -22.51 0.24 -1.00
C ILE C 304 -23.32 1.23 -0.14
N LEU C 305 -24.15 2.06 -0.81
CA LEU C 305 -25.13 2.99 -0.18
C LEU C 305 -26.49 2.36 0.19
N PRO C 306 -27.26 3.03 1.09
CA PRO C 306 -28.62 2.54 1.42
C PRO C 306 -29.61 2.63 0.25
N GLN C 307 -29.34 3.52 -0.70
CA GLN C 307 -30.09 3.55 -1.95
C GLN C 307 -29.99 2.20 -2.69
N GLN C 308 -28.97 1.39 -2.39
CA GLN C 308 -28.91 0.05 -2.92
C GLN C 308 -29.51 -0.97 -1.97
N TYR C 309 -29.14 -0.90 -0.68
CA TYR C 309 -29.60 -1.94 0.24
C TYR C 309 -30.99 -1.76 0.79
N LEU C 310 -31.65 -0.67 0.39
CA LEU C 310 -33.09 -0.50 0.60
C LEU C 310 -33.77 -0.50 -0.77
N ARG C 311 -34.64 -1.49 -1.01
CA ARG C 311 -35.20 -1.70 -2.35
C ARG C 311 -36.62 -1.16 -2.34
N PRO C 312 -36.91 -0.18 -3.20
CA PRO C 312 -38.27 0.35 -3.35
C PRO C 312 -39.29 -0.62 -3.98
N VAL C 313 -40.53 -0.57 -3.50
CA VAL C 313 -41.69 -1.29 -4.08
C VAL C 313 -42.86 -0.28 -4.02
N GLU C 314 -43.97 -0.66 -4.66
CA GLU C 314 -45.24 0.09 -4.58
C GLU C 314 -46.00 -0.02 -3.23
N ASP C 315 -46.92 0.90 -2.90
CA ASP C 315 -47.61 0.85 -1.58
C ASP C 315 -49.03 0.19 -1.50
N VAL C 316 -49.57 0.06 -0.28
CA VAL C 316 -50.91 -0.51 -0.06
C VAL C 316 -51.93 0.58 -0.45
N ALA C 317 -51.67 1.81 -0.05
CA ALA C 317 -52.50 2.95 -0.46
C ALA C 317 -52.28 3.31 -1.94
N THR C 318 -51.28 2.71 -2.57
CA THR C 318 -51.12 2.81 -4.00
C THR C 318 -51.01 4.27 -4.33
N SER C 319 -50.38 4.98 -3.38
CA SER C 319 -50.29 6.46 -3.30
C SER C 319 -48.85 6.95 -3.08
N GLN C 320 -48.60 8.24 -3.34
CA GLN C 320 -47.26 8.73 -3.61
C GLN C 320 -46.50 8.82 -2.30
N ASP C 321 -46.22 7.64 -1.76
CA ASP C 321 -45.28 7.49 -0.66
C ASP C 321 -44.22 6.50 -1.11
N ASP C 322 -42.94 6.88 -0.96
CA ASP C 322 -41.84 6.00 -1.37
C ASP C 322 -41.60 4.90 -0.34
N CYS C 323 -41.85 3.65 -0.73
CA CYS C 323 -41.85 2.52 0.21
C CYS C 323 -40.80 1.46 -0.11
N TYR C 324 -39.93 1.18 0.85
CA TYR C 324 -38.76 0.34 0.63
C TYR C 324 -38.73 -0.95 1.50
N LYS C 325 -38.01 -1.95 1.01
CA LYS C 325 -37.85 -3.25 1.67
C LYS C 325 -36.35 -3.51 1.96
N PHE C 326 -36.04 -4.04 3.14
CA PHE C 326 -34.65 -4.24 3.57
C PHE C 326 -34.05 -5.41 2.78
N ALA C 327 -33.12 -5.08 1.89
CA ALA C 327 -32.55 -6.05 1.00
C ALA C 327 -31.31 -6.75 1.57
N ILE C 328 -31.16 -6.80 2.90
CA ILE C 328 -30.13 -7.64 3.50
C ILE C 328 -30.75 -8.81 4.25
N SER C 329 -30.45 -10.02 3.78
CA SER C 329 -31.10 -11.25 4.25
C SER C 329 -30.08 -12.23 4.82
N GLN C 330 -30.54 -13.17 5.61
CA GLN C 330 -29.65 -14.07 6.33
C GLN C 330 -29.43 -15.22 5.38
N SER C 331 -28.27 -15.87 5.49
CA SER C 331 -28.01 -17.06 4.70
C SER C 331 -27.44 -18.19 5.48
N SER C 332 -28.01 -19.36 5.21
CA SER C 332 -27.54 -20.63 5.74
C SER C 332 -26.24 -21.01 5.03
N THR C 333 -26.10 -20.54 3.78
CA THR C 333 -25.15 -21.12 2.82
C THR C 333 -24.07 -20.22 2.20
N GLY C 334 -23.70 -19.14 2.88
CA GLY C 334 -22.61 -18.26 2.42
C GLY C 334 -23.03 -16.83 2.14
N THR C 335 -22.04 -15.98 1.92
CA THR C 335 -22.33 -14.65 1.50
C THR C 335 -22.75 -14.68 0.05
N VAL C 336 -23.82 -13.97 -0.27
CA VAL C 336 -24.24 -13.85 -1.63
C VAL C 336 -24.32 -12.38 -1.97
N MET C 337 -23.39 -11.93 -2.81
CA MET C 337 -23.38 -10.56 -3.27
C MET C 337 -24.39 -10.51 -4.43
N GLY C 338 -25.64 -10.21 -4.11
CA GLY C 338 -26.69 -10.17 -5.12
C GLY C 338 -26.80 -8.87 -5.92
N ALA C 339 -27.96 -8.67 -6.54
CA ALA C 339 -28.21 -7.55 -7.42
C ALA C 339 -28.12 -6.19 -6.75
N VAL C 340 -28.26 -6.13 -5.43
CA VAL C 340 -28.25 -4.84 -4.75
C VAL C 340 -26.82 -4.39 -4.55
N ILE C 341 -25.89 -5.33 -4.45
CA ILE C 341 -24.48 -4.98 -4.49
C ILE C 341 -24.13 -4.61 -5.91
N MET C 342 -24.55 -5.42 -6.84
CA MET C 342 -24.14 -5.27 -8.22
C MET C 342 -24.56 -3.97 -8.93
N GLU C 343 -25.63 -3.36 -8.43
CA GLU C 343 -26.19 -2.15 -9.03
C GLU C 343 -25.40 -0.88 -8.83
N GLY C 344 -24.51 -0.85 -7.85
CA GLY C 344 -23.58 0.26 -7.79
C GLY C 344 -22.49 0.16 -8.85
N PHE C 345 -22.25 -1.03 -9.36
CA PHE C 345 -20.96 -1.26 -9.96
C PHE C 345 -21.08 -1.85 -11.29
N TYR C 346 -20.01 -1.72 -12.03
CA TYR C 346 -19.86 -2.38 -13.30
C TYR C 346 -18.97 -3.53 -12.91
N VAL C 347 -19.48 -4.76 -13.09
CA VAL C 347 -18.80 -5.95 -12.67
C VAL C 347 -18.27 -6.75 -13.88
N VAL C 348 -16.96 -6.97 -13.93
CA VAL C 348 -16.35 -7.75 -15.01
C VAL C 348 -16.01 -9.19 -14.59
N PHE C 349 -16.52 -10.14 -15.36
CA PHE C 349 -16.31 -11.54 -15.12
C PHE C 349 -15.24 -12.08 -16.08
N ASP C 350 -13.99 -11.92 -15.64
CA ASP C 350 -12.84 -12.23 -16.47
C ASP C 350 -12.42 -13.70 -16.28
N ARG C 351 -13.13 -14.57 -16.98
CA ARG C 351 -12.93 -15.99 -16.81
C ARG C 351 -11.52 -16.37 -17.30
N ALA C 352 -11.11 -15.69 -18.38
CA ALA C 352 -9.80 -15.91 -18.98
C ALA C 352 -8.70 -15.77 -17.96
N ARG C 353 -8.74 -14.74 -17.14
CA ARG C 353 -7.67 -14.48 -16.20
C ARG C 353 -8.08 -14.80 -14.76
N LYS C 354 -9.08 -15.65 -14.60
CA LYS C 354 -9.61 -16.01 -13.28
C LYS C 354 -9.78 -14.83 -12.27
N ARG C 355 -10.33 -13.70 -12.68
CA ARG C 355 -10.57 -12.63 -11.70
C ARG C 355 -11.88 -11.96 -11.98
N ILE C 356 -12.29 -11.11 -11.06
CA ILE C 356 -13.52 -10.38 -11.18
C ILE C 356 -13.27 -8.94 -10.91
N GLY C 357 -13.69 -8.08 -11.84
CA GLY C 357 -13.41 -6.66 -11.69
C GLY C 357 -14.60 -5.85 -11.22
N PHE C 358 -14.33 -4.83 -10.40
CA PHE C 358 -15.35 -3.85 -10.00
C PHE C 358 -14.97 -2.45 -10.36
N ALA C 359 -15.95 -1.67 -10.79
CA ALA C 359 -15.76 -0.27 -11.10
C ALA C 359 -17.03 0.45 -10.75
N VAL C 360 -16.95 1.76 -10.52
CA VAL C 360 -18.17 2.56 -10.31
C VAL C 360 -19.04 2.57 -11.57
N SER C 361 -20.31 2.23 -11.41
CA SER C 361 -21.25 2.13 -12.53
C SER C 361 -21.60 3.51 -13.01
N ALA C 362 -21.78 3.65 -14.32
CA ALA C 362 -22.16 4.93 -14.90
C ALA C 362 -23.67 5.10 -14.87
N CYS C 363 -24.35 4.19 -14.18
CA CYS C 363 -25.80 4.23 -14.08
C CYS C 363 -26.15 4.52 -12.61
N HIS C 364 -25.41 3.94 -11.68
CA HIS C 364 -25.96 3.86 -10.33
C HIS C 364 -26.30 5.27 -9.82
N VAL C 365 -27.48 5.37 -9.23
CA VAL C 365 -28.10 6.60 -8.77
C VAL C 365 -27.15 7.05 -7.66
N HIS C 366 -26.86 8.33 -7.60
CA HIS C 366 -25.90 8.85 -6.64
C HIS C 366 -26.47 9.98 -5.79
N ASP C 367 -26.31 9.86 -4.47
CA ASP C 367 -26.75 10.91 -3.55
C ASP C 367 -25.89 12.16 -3.71
N GLU C 368 -26.50 13.33 -3.53
CA GLU C 368 -25.79 14.58 -3.68
C GLU C 368 -24.62 14.54 -2.71
N PHE C 369 -24.91 14.10 -1.48
CA PHE C 369 -23.92 13.96 -0.38
C PHE C 369 -22.82 12.86 -0.34
N ARG C 370 -23.19 11.61 -0.60
CA ARG C 370 -22.28 10.45 -0.64
C ARG C 370 -22.38 9.70 -1.96
N THR C 371 -21.35 8.94 -2.31
CA THR C 371 -21.40 8.14 -3.57
C THR C 371 -20.74 6.73 -3.52
N ALA C 372 -21.38 5.78 -4.21
CA ALA C 372 -20.91 4.39 -4.28
C ALA C 372 -19.52 4.36 -4.87
N ALA C 373 -18.55 3.72 -4.19
CA ALA C 373 -17.17 3.85 -4.65
C ALA C 373 -16.45 2.52 -4.76
N VAL C 374 -15.33 2.56 -5.49
CA VAL C 374 -14.30 1.50 -5.49
C VAL C 374 -12.95 2.14 -5.24
N GLU C 375 -12.30 1.75 -4.15
CA GLU C 375 -11.14 2.43 -3.67
C GLU C 375 -10.05 1.44 -3.34
N GLY C 376 -8.80 1.81 -3.60
CA GLY C 376 -7.65 1.00 -3.22
C GLY C 376 -6.37 1.74 -3.55
N PRO C 377 -5.21 1.15 -3.25
CA PRO C 377 -4.98 -0.11 -2.60
C PRO C 377 -5.15 -0.03 -1.09
N PHE C 378 -5.27 -1.20 -0.45
CA PHE C 378 -5.33 -1.29 1.01
C PHE C 378 -4.40 -2.38 1.44
N VAL C 379 -3.94 -2.36 2.68
CA VAL C 379 -3.09 -3.44 3.16
C VAL C 379 -3.85 -4.39 4.04
N THR C 380 -3.65 -5.67 3.80
CA THR C 380 -4.36 -6.70 4.53
C THR C 380 -3.52 -7.98 4.54
N LEU C 381 -3.30 -8.54 5.72
CA LEU C 381 -2.40 -9.69 5.84
C LEU C 381 -3.18 -10.99 5.90
N ASP C 382 -2.54 -12.08 5.53
CA ASP C 382 -3.15 -13.42 5.50
C ASP C 382 -4.52 -13.52 4.80
N MET C 383 -4.67 -12.95 3.61
CA MET C 383 -5.98 -12.94 2.97
C MET C 383 -6.42 -14.35 2.59
N GLU C 384 -5.49 -15.25 2.28
CA GLU C 384 -5.88 -16.61 1.90
C GLU C 384 -6.50 -17.32 3.09
N ASP C 385 -6.06 -16.94 4.29
CA ASP C 385 -6.63 -17.45 5.53
C ASP C 385 -8.07 -17.00 5.76
N CYS C 386 -8.53 -16.05 4.97
CA CYS C 386 -9.91 -15.62 5.07
C CYS C 386 -10.87 -16.56 4.40
N GLY C 387 -10.35 -17.52 3.67
CA GLY C 387 -11.20 -18.40 2.91
C GLY C 387 -11.48 -19.58 3.80
N TYR C 388 -12.70 -20.08 3.73
CA TYR C 388 -13.12 -21.20 4.57
C TYR C 388 -12.94 -22.51 3.82
N ASN C 389 -12.56 -23.57 4.54
CA ASN C 389 -12.43 -24.91 3.97
C ASN C 389 -13.25 -25.92 4.77
N ILE C 390 -13.70 -26.99 4.11
CA ILE C 390 -14.62 -27.98 4.72
C ILE C 390 -13.91 -29.19 5.35
N GLU D 1 34.66 -2.88 -15.40
CA GLU D 1 33.46 -2.06 -15.58
C GLU D 1 32.98 -2.12 -17.02
N ILE D 2 31.67 -2.30 -17.20
CA ILE D 2 31.08 -2.38 -18.49
C ILE D 2 29.86 -1.48 -18.57
N TIH D 3 29.55 -1.08 -19.78
CA TIH D 3 28.45 -0.19 -20.14
C TIH D 3 27.86 -0.75 -21.45
O TIH D 3 27.74 -0.07 -22.46
CB TIH D 3 28.93 1.24 -20.41
CG TIH D 3 29.88 1.73 -19.33
CD TIH D 3 31.15 1.36 -19.15
CE1 TIH D 3 31.75 1.96 -18.10
CE2 TIH D 3 30.98 2.83 -17.43
SD TIH D 3 29.44 2.85 -18.17
N LHE D 4 27.49 -2.04 -21.37
CA2 LHE D 4 26.92 -2.78 -22.49
C21 LHE D 4 27.52 -4.16 -22.34
C22 LHE D 4 28.78 -4.37 -23.22
C23 LHE D 4 29.55 -5.52 -22.56
C24 LHE D 4 29.74 -3.15 -23.35
C25 LHE D 4 25.39 -2.82 -22.33
O6 LHE D 4 24.80 -3.58 -23.38
C20 LHE D 4 24.83 -1.40 -22.31
N5 LHE D 4 23.59 -1.19 -23.09
CA LHE D 4 23.66 0.18 -23.71
C27 LHE D 4 23.57 0.28 -25.27
C28 LHE D 4 22.37 -0.49 -25.90
C29 LHE D 4 22.56 -0.80 -27.46
C LHE D 4 22.60 1.04 -23.00
O LHE D 4 21.43 0.81 -23.29
OXT LHE D 4 22.96 1.86 -22.14
N GLU E 1 13.79 17.13 32.87
CA GLU E 1 12.98 16.00 32.42
C GLU E 1 11.72 15.85 33.26
N ILE E 2 10.59 15.68 32.59
CA ILE E 2 9.32 15.52 33.29
C ILE E 2 8.55 14.30 32.77
N TIH E 3 7.65 13.78 33.60
CA TIH E 3 6.84 12.61 33.22
C TIH E 3 5.43 12.77 33.85
O TIH E 3 4.95 12.01 34.71
CB TIH E 3 7.36 11.30 33.69
CG TIH E 3 8.85 11.26 33.60
CD TIH E 3 9.68 11.99 34.29
CE1 TIH E 3 10.95 11.68 34.04
CE2 TIH E 3 11.19 10.66 33.19
SD TIH E 3 9.71 10.04 32.61
N LHE E 4 4.77 13.75 33.29
CA2 LHE E 4 3.49 14.25 33.73
C21 LHE E 4 3.98 15.68 33.80
C22 LHE E 4 3.69 16.52 35.07
C23 LHE E 4 4.14 15.91 36.37
C24 LHE E 4 4.54 17.79 34.92
C25 LHE E 4 2.53 13.99 32.57
O6 LHE E 4 1.22 14.47 32.83
C20 LHE E 4 2.50 12.48 32.26
N5 LHE E 4 1.18 11.95 31.84
CA LHE E 4 0.97 10.67 32.59
C27 LHE E 4 -0.53 10.30 32.81
C28 LHE E 4 -0.77 9.76 34.25
C29 LHE E 4 -1.76 10.68 35.05
C LHE E 4 1.74 9.63 31.77
O LHE E 4 1.10 8.96 30.93
OXT LHE E 4 3.00 9.62 31.95
N GLU F 1 -37.94 -10.16 -5.40
CA GLU F 1 -36.90 -10.87 -4.68
C GLU F 1 -36.75 -12.31 -5.19
N ILE F 2 -35.52 -12.70 -5.48
CA ILE F 2 -35.25 -14.05 -5.98
C ILE F 2 -34.02 -14.65 -5.30
N TIH F 3 -33.88 -15.97 -5.42
CA TIH F 3 -32.74 -16.67 -4.81
C TIH F 3 -32.31 -17.76 -5.81
O TIH F 3 -32.27 -18.95 -5.49
CB TIH F 3 -33.04 -17.28 -3.44
CG TIH F 3 -33.79 -16.26 -2.51
CD TIH F 3 -35.02 -15.78 -2.74
CE1 TIH F 3 -35.49 -14.93 -1.81
CE2 TIH F 3 -34.63 -14.72 -0.81
SD TIH F 3 -33.23 -15.65 -1.12
N LHE F 4 -31.92 -17.29 -7.01
CA2 LHE F 4 -31.45 -18.16 -8.08
C21 LHE F 4 -31.97 -17.58 -9.36
C22 LHE F 4 -33.33 -18.24 -9.69
C23 LHE F 4 -34.23 -18.55 -8.47
C24 LHE F 4 -34.11 -17.29 -10.64
C25 LHE F 4 -29.92 -18.19 -8.14
O6 LHE F 4 -29.58 -19.15 -9.10
C20 LHE F 4 -29.34 -18.50 -6.75
N5 LHE F 4 -27.98 -19.07 -6.63
CA LHE F 4 -28.00 -19.78 -5.30
C27 LHE F 4 -28.83 -21.10 -5.31
C28 LHE F 4 -28.10 -22.23 -6.08
C29 LHE F 4 -28.49 -23.53 -5.32
C LHE F 4 -26.61 -20.03 -4.62
O LHE F 4 -25.71 -20.55 -5.31
OXT LHE F 4 -26.49 -19.75 -3.40
#